data_1LFB
# 
_entry.id   1LFB 
# 
_audit_conform.dict_name       mmcif_pdbx.dic 
_audit_conform.dict_version    5.386 
_audit_conform.dict_location   http://mmcif.pdb.org/dictionaries/ascii/mmcif_pdbx.dic 
# 
loop_
_database_2.database_id 
_database_2.database_code 
_database_2.pdbx_database_accession 
_database_2.pdbx_DOI 
PDB   1LFB         pdb_00001lfb 10.2210/pdb1lfb/pdb 
WWPDB D_1000174693 ?            ?                   
# 
loop_
_pdbx_audit_revision_history.ordinal 
_pdbx_audit_revision_history.data_content_type 
_pdbx_audit_revision_history.major_revision 
_pdbx_audit_revision_history.minor_revision 
_pdbx_audit_revision_history.revision_date 
1 'Structure model' 1 0 1993-10-31 
2 'Structure model' 1 1 2008-03-24 
3 'Structure model' 1 2 2011-07-13 
4 'Structure model' 1 3 2024-02-14 
# 
_pdbx_audit_revision_details.ordinal             1 
_pdbx_audit_revision_details.revision_ordinal    1 
_pdbx_audit_revision_details.data_content_type   'Structure model' 
_pdbx_audit_revision_details.provider            repository 
_pdbx_audit_revision_details.type                'Initial release' 
_pdbx_audit_revision_details.description         ? 
_pdbx_audit_revision_details.details             ? 
# 
loop_
_pdbx_audit_revision_group.ordinal 
_pdbx_audit_revision_group.revision_ordinal 
_pdbx_audit_revision_group.data_content_type 
_pdbx_audit_revision_group.group 
1 2 'Structure model' 'Version format compliance' 
2 3 'Structure model' 'Version format compliance' 
3 4 'Structure model' 'Data collection'           
4 4 'Structure model' 'Database references'       
5 4 'Structure model' Other                       
# 
loop_
_pdbx_audit_revision_category.ordinal 
_pdbx_audit_revision_category.revision_ordinal 
_pdbx_audit_revision_category.data_content_type 
_pdbx_audit_revision_category.category 
1 4 'Structure model' chem_comp_atom       
2 4 'Structure model' chem_comp_bond       
3 4 'Structure model' database_2           
4 4 'Structure model' pdbx_database_status 
# 
loop_
_pdbx_audit_revision_item.ordinal 
_pdbx_audit_revision_item.revision_ordinal 
_pdbx_audit_revision_item.data_content_type 
_pdbx_audit_revision_item.item 
1 4 'Structure model' '_database_2.pdbx_DOI'                
2 4 'Structure model' '_database_2.pdbx_database_accession' 
3 4 'Structure model' '_pdbx_database_status.process_site'  
# 
_pdbx_database_status.status_code                     REL 
_pdbx_database_status.entry_id                        1LFB 
_pdbx_database_status.recvd_initial_deposition_date   1993-06-28 
_pdbx_database_status.deposit_site                    ? 
_pdbx_database_status.process_site                    BNL 
_pdbx_database_status.SG_entry                        . 
_pdbx_database_status.pdb_format_compatible           Y 
_pdbx_database_status.status_code_mr                  ? 
_pdbx_database_status.status_code_sf                  ? 
_pdbx_database_status.status_code_cs                  ? 
_pdbx_database_status.status_code_nmr_data            ? 
_pdbx_database_status.methods_development_category    ? 
# 
loop_
_audit_author.name 
_audit_author.pdbx_ordinal 
'Ceska, T.A.' 1 
'Lamers, M.'  2 
'Monaci, P.'  3 
'Nicosia, A.' 4 
'Cortese, R.' 5 
'Suck, D.'    6 
# 
_citation.id                        primary 
_citation.title                     
;The X-ray structure of an atypical homeodomain present in the rat liver transcription factor LFB1/HNF1 and implications for DNA binding.
;
_citation.journal_abbrev            'EMBO J.' 
_citation.journal_volume            12 
_citation.page_first                1805 
_citation.page_last                 1810 
_citation.year                      1993 
_citation.journal_id_ASTM           EMJODG 
_citation.country                   UK 
_citation.journal_id_ISSN           0261-4189 
_citation.journal_id_CSD            0897 
_citation.book_publisher            ? 
_citation.pdbx_database_id_PubMed   8491173 
_citation.pdbx_database_id_DOI      ? 
# 
loop_
_citation_author.citation_id 
_citation_author.name 
_citation_author.ordinal 
_citation_author.identifier_ORCID 
primary 'Ceska, T.A.' 1 ? 
primary 'Lamers, M.'  2 ? 
primary 'Monaci, P.'  3 ? 
primary 'Nicosia, A.' 4 ? 
primary 'Cortese, R.' 5 ? 
primary 'Suck, D.'    6 ? 
# 
_entity.id                         1 
_entity.type                       polymer 
_entity.src_method                 man 
_entity.pdbx_description           'LIVER TRANSCRIPTION FACTOR (LFB1)' 
_entity.formula_weight             11677.199 
_entity.pdbx_number_of_molecules   1 
_entity.pdbx_ec                    ? 
_entity.pdbx_mutation              ? 
_entity.pdbx_fragment              ? 
_entity.details                    ? 
# 
_entity_poly.entity_id                      1 
_entity_poly.type                           'polypeptide(L)' 
_entity_poly.nstd_linkage                   no 
_entity_poly.nstd_monomer                   no 
_entity_poly.pdbx_seq_one_letter_code       
;ARIDPTKKGRRNRFKWGPASQQILFQAYERQKNPSKEERETLVEECNRAECIQRGVSPSQAQGLGSNLVTEVRVYNWFAN
RRKEEAFRHKLAMDTYKLN
;
_entity_poly.pdbx_seq_one_letter_code_can   
;ARIDPTKKGRRNRFKWGPASQQILFQAYERQKNPSKEERETLVEECNRAECIQRGVSPSQAQGLGSNLVTEVRVYNWFAN
RRKEEAFRHKLAMDTYKLN
;
_entity_poly.pdbx_strand_id                 A 
_entity_poly.pdbx_target_identifier         ? 
# 
loop_
_entity_poly_seq.entity_id 
_entity_poly_seq.num 
_entity_poly_seq.mon_id 
_entity_poly_seq.hetero 
1 1  ALA n 
1 2  ARG n 
1 3  ILE n 
1 4  ASP n 
1 5  PRO n 
1 6  THR n 
1 7  LYS n 
1 8  LYS n 
1 9  GLY n 
1 10 ARG n 
1 11 ARG n 
1 12 ASN n 
1 13 ARG n 
1 14 PHE n 
1 15 LYS n 
1 16 TRP n 
1 17 GLY n 
1 18 PRO n 
1 19 ALA n 
1 20 SER n 
1 21 GLN n 
1 22 GLN n 
1 23 ILE n 
1 24 LEU n 
1 25 PHE n 
1 26 GLN n 
1 27 ALA n 
1 28 TYR n 
1 29 GLU n 
1 30 ARG n 
1 31 GLN n 
1 32 LYS n 
1 33 ASN n 
1 34 PRO n 
1 35 SER n 
1 36 LYS n 
1 37 GLU n 
1 38 GLU n 
1 39 ARG n 
1 40 GLU n 
1 41 THR n 
1 42 LEU n 
1 43 VAL n 
1 44 GLU n 
1 45 GLU n 
1 46 CYS n 
1 47 ASN n 
1 48 ARG n 
1 49 ALA n 
1 50 GLU n 
1 51 CYS n 
1 52 ILE n 
1 53 GLN n 
1 54 ARG n 
1 55 GLY n 
1 56 VAL n 
1 57 SER n 
1 58 PRO n 
1 59 SER n 
1 60 GLN n 
1 61 ALA n 
1 62 GLN n 
1 63 GLY n 
1 64 LEU n 
1 65 GLY n 
1 66 SER n 
1 67 ASN n 
1 68 LEU n 
1 69 VAL n 
1 70 THR n 
1 71 GLU n 
1 72 VAL n 
1 73 ARG n 
1 74 VAL n 
1 75 TYR n 
1 76 ASN n 
1 77 TRP n 
1 78 PHE n 
1 79 ALA n 
1 80 ASN n 
1 81 ARG n 
1 82 ARG n 
1 83 LYS n 
1 84 GLU n 
1 85 GLU n 
1 86 ALA n 
1 87 PHE n 
1 88 ARG n 
1 89 HIS n 
1 90 LYS n 
1 91 LEU n 
1 92 ALA n 
1 93 MET n 
1 94 ASP n 
1 95 THR n 
1 96 TYR n 
1 97 LYS n 
1 98 LEU n 
1 99 ASN n 
# 
_entity_src_gen.entity_id                          1 
_entity_src_gen.pdbx_src_id                        1 
_entity_src_gen.pdbx_alt_source_flag               sample 
_entity_src_gen.pdbx_seq_type                      ? 
_entity_src_gen.pdbx_beg_seq_num                   ? 
_entity_src_gen.pdbx_end_seq_num                   ? 
_entity_src_gen.gene_src_common_name               'Norway rat' 
_entity_src_gen.gene_src_genus                     Rattus 
_entity_src_gen.pdbx_gene_src_gene                 ? 
_entity_src_gen.gene_src_species                   ? 
_entity_src_gen.gene_src_strain                    ? 
_entity_src_gen.gene_src_tissue                    ? 
_entity_src_gen.gene_src_tissue_fraction           ? 
_entity_src_gen.gene_src_details                   ? 
_entity_src_gen.pdbx_gene_src_fragment             ? 
_entity_src_gen.pdbx_gene_src_scientific_name      'Rattus norvegicus' 
_entity_src_gen.pdbx_gene_src_ncbi_taxonomy_id     10116 
_entity_src_gen.pdbx_gene_src_variant              ? 
_entity_src_gen.pdbx_gene_src_cell_line            ? 
_entity_src_gen.pdbx_gene_src_atcc                 ? 
_entity_src_gen.pdbx_gene_src_organ                LIVER 
_entity_src_gen.pdbx_gene_src_organelle            ? 
_entity_src_gen.pdbx_gene_src_cell                 ? 
_entity_src_gen.pdbx_gene_src_cellular_location    ? 
_entity_src_gen.host_org_common_name               ? 
_entity_src_gen.pdbx_host_org_scientific_name      ? 
_entity_src_gen.pdbx_host_org_ncbi_taxonomy_id     ? 
_entity_src_gen.host_org_genus                     ? 
_entity_src_gen.pdbx_host_org_gene                 ? 
_entity_src_gen.pdbx_host_org_organ                ? 
_entity_src_gen.host_org_species                   ? 
_entity_src_gen.pdbx_host_org_tissue               ? 
_entity_src_gen.pdbx_host_org_tissue_fraction      ? 
_entity_src_gen.pdbx_host_org_strain               ? 
_entity_src_gen.pdbx_host_org_variant              ? 
_entity_src_gen.pdbx_host_org_cell_line            ? 
_entity_src_gen.pdbx_host_org_atcc                 ? 
_entity_src_gen.pdbx_host_org_culture_collection   ? 
_entity_src_gen.pdbx_host_org_cell                 ? 
_entity_src_gen.pdbx_host_org_organelle            ? 
_entity_src_gen.pdbx_host_org_cellular_location    ? 
_entity_src_gen.pdbx_host_org_vector_type          ? 
_entity_src_gen.pdbx_host_org_vector               ? 
_entity_src_gen.host_org_details                   ? 
_entity_src_gen.expression_system_id               ? 
_entity_src_gen.plasmid_name                       ? 
_entity_src_gen.plasmid_details                    ? 
_entity_src_gen.pdbx_description                   ? 
# 
loop_
_chem_comp.id 
_chem_comp.type 
_chem_comp.mon_nstd_flag 
_chem_comp.name 
_chem_comp.pdbx_synonyms 
_chem_comp.formula 
_chem_comp.formula_weight 
ALA 'L-peptide linking' y ALANINE         ? 'C3 H7 N O2'     89.093  
ARG 'L-peptide linking' y ARGININE        ? 'C6 H15 N4 O2 1' 175.209 
ASN 'L-peptide linking' y ASPARAGINE      ? 'C4 H8 N2 O3'    132.118 
ASP 'L-peptide linking' y 'ASPARTIC ACID' ? 'C4 H7 N O4'     133.103 
CYS 'L-peptide linking' y CYSTEINE        ? 'C3 H7 N O2 S'   121.158 
GLN 'L-peptide linking' y GLUTAMINE       ? 'C5 H10 N2 O3'   146.144 
GLU 'L-peptide linking' y 'GLUTAMIC ACID' ? 'C5 H9 N O4'     147.129 
GLY 'peptide linking'   y GLYCINE         ? 'C2 H5 N O2'     75.067  
HIS 'L-peptide linking' y HISTIDINE       ? 'C6 H10 N3 O2 1' 156.162 
ILE 'L-peptide linking' y ISOLEUCINE      ? 'C6 H13 N O2'    131.173 
LEU 'L-peptide linking' y LEUCINE         ? 'C6 H13 N O2'    131.173 
LYS 'L-peptide linking' y LYSINE          ? 'C6 H15 N2 O2 1' 147.195 
MET 'L-peptide linking' y METHIONINE      ? 'C5 H11 N O2 S'  149.211 
PHE 'L-peptide linking' y PHENYLALANINE   ? 'C9 H11 N O2'    165.189 
PRO 'L-peptide linking' y PROLINE         ? 'C5 H9 N O2'     115.130 
SER 'L-peptide linking' y SERINE          ? 'C3 H7 N O3'     105.093 
THR 'L-peptide linking' y THREONINE       ? 'C4 H9 N O3'     119.119 
TRP 'L-peptide linking' y TRYPTOPHAN      ? 'C11 H12 N2 O2'  204.225 
TYR 'L-peptide linking' y TYROSINE        ? 'C9 H11 N O3'    181.189 
VAL 'L-peptide linking' y VALINE          ? 'C5 H11 N O2'    117.146 
# 
loop_
_pdbx_poly_seq_scheme.asym_id 
_pdbx_poly_seq_scheme.entity_id 
_pdbx_poly_seq_scheme.seq_id 
_pdbx_poly_seq_scheme.mon_id 
_pdbx_poly_seq_scheme.ndb_seq_num 
_pdbx_poly_seq_scheme.pdb_seq_num 
_pdbx_poly_seq_scheme.auth_seq_num 
_pdbx_poly_seq_scheme.pdb_mon_id 
_pdbx_poly_seq_scheme.auth_mon_id 
_pdbx_poly_seq_scheme.pdb_strand_id 
_pdbx_poly_seq_scheme.pdb_ins_code 
_pdbx_poly_seq_scheme.hetero 
A 1 1  ALA 1  1  ?  ?   ?   A . n 
A 1 2  ARG 2  2  ?  ?   ?   A . n 
A 1 3  ILE 3  3  ?  ?   ?   A . n 
A 1 4  ASP 4  4  ?  ?   ?   A . n 
A 1 5  PRO 5  5  ?  ?   ?   A . n 
A 1 6  THR 6  6  ?  ?   ?   A . n 
A 1 7  LYS 7  7  ?  ?   ?   A . n 
A 1 8  LYS 8  8  ?  ?   ?   A . n 
A 1 9  GLY 9  9  ?  ?   ?   A . n 
A 1 10 ARG 10 10 ?  ?   ?   A . n 
A 1 11 ARG 11 11 ?  ?   ?   A . n 
A 1 12 ASN 12 12 ?  ?   ?   A . n 
A 1 13 ARG 13 13 13 ARG ARG A . n 
A 1 14 PHE 14 14 14 PHE PHE A . n 
A 1 15 LYS 15 15 15 LYS LYS A . n 
A 1 16 TRP 16 16 16 TRP TRP A . n 
A 1 17 GLY 17 17 17 GLY GLY A . n 
A 1 18 PRO 18 18 18 PRO PRO A . n 
A 1 19 ALA 19 19 19 ALA ALA A . n 
A 1 20 SER 20 20 20 SER SER A . n 
A 1 21 GLN 21 21 21 GLN GLN A . n 
A 1 22 GLN 22 22 22 GLN GLN A . n 
A 1 23 ILE 23 23 23 ILE ILE A . n 
A 1 24 LEU 24 24 24 LEU LEU A . n 
A 1 25 PHE 25 25 25 PHE PHE A . n 
A 1 26 GLN 26 26 26 GLN GLN A . n 
A 1 27 ALA 27 27 27 ALA ALA A . n 
A 1 28 TYR 28 28 28 TYR TYR A . n 
A 1 29 GLU 29 29 29 GLU GLU A . n 
A 1 30 ARG 30 30 30 ARG ARG A . n 
A 1 31 GLN 31 31 31 GLN GLN A . n 
A 1 32 LYS 32 32 32 LYS LYS A . n 
A 1 33 ASN 33 33 33 ASN ASN A . n 
A 1 34 PRO 34 34 34 PRO PRO A . n 
A 1 35 SER 35 35 35 SER SER A . n 
A 1 36 LYS 36 36 36 LYS LYS A . n 
A 1 37 GLU 37 37 37 GLU GLU A . n 
A 1 38 GLU 38 38 38 GLU GLU A . n 
A 1 39 ARG 39 39 39 ARG ARG A . n 
A 1 40 GLU 40 40 40 GLU GLU A . n 
A 1 41 THR 41 41 41 THR THR A . n 
A 1 42 LEU 42 42 42 LEU LEU A . n 
A 1 43 VAL 43 43 43 VAL VAL A . n 
A 1 44 GLU 44 44 44 GLU GLU A . n 
A 1 45 GLU 45 45 45 GLU GLU A . n 
A 1 46 CYS 46 46 46 CYS CYS A . n 
A 1 47 ASN 47 47 47 ASN ASN A . n 
A 1 48 ARG 48 48 48 ARG ARG A . n 
A 1 49 ALA 49 49 49 ALA ALA A . n 
A 1 50 GLU 50 50 50 GLU GLU A . n 
A 1 51 CYS 51 51 51 CYS CYS A . n 
A 1 52 ILE 52 52 52 ILE ILE A . n 
A 1 53 GLN 53 53 53 GLN GLN A . n 
A 1 54 ARG 54 54 54 ARG ARG A . n 
A 1 55 GLY 55 55 55 GLY GLY A . n 
A 1 56 VAL 56 56 56 VAL VAL A . n 
A 1 57 SER 57 57 57 SER SER A . n 
A 1 58 PRO 58 58 58 PRO PRO A . n 
A 1 59 SER 59 59 59 SER SER A . n 
A 1 60 GLN 60 60 60 GLN GLN A . n 
A 1 61 ALA 61 61 61 ALA ALA A . n 
A 1 62 GLN 62 62 62 GLN GLN A . n 
A 1 63 GLY 63 63 63 GLY GLY A . n 
A 1 64 LEU 64 64 64 LEU LEU A . n 
A 1 65 GLY 65 65 65 GLY GLY A . n 
A 1 66 SER 66 66 66 SER SER A . n 
A 1 67 ASN 67 67 67 ASN ASN A . n 
A 1 68 LEU 68 68 68 LEU LEU A . n 
A 1 69 VAL 69 69 69 VAL VAL A . n 
A 1 70 THR 70 70 70 THR THR A . n 
A 1 71 GLU 71 71 71 GLU GLU A . n 
A 1 72 VAL 72 72 72 VAL VAL A . n 
A 1 73 ARG 73 73 73 ARG ARG A . n 
A 1 74 VAL 74 74 74 VAL VAL A . n 
A 1 75 TYR 75 75 75 TYR TYR A . n 
A 1 76 ASN 76 76 76 ASN ASN A . n 
A 1 77 TRP 77 77 77 TRP TRP A . n 
A 1 78 PHE 78 78 78 PHE PHE A . n 
A 1 79 ALA 79 79 79 ALA ALA A . n 
A 1 80 ASN 80 80 80 ASN ASN A . n 
A 1 81 ARG 81 81 81 ARG ARG A . n 
A 1 82 ARG 82 82 82 ARG ARG A . n 
A 1 83 LYS 83 83 83 LYS LYS A . n 
A 1 84 GLU 84 84 84 GLU GLU A . n 
A 1 85 GLU 85 85 85 GLU GLU A . n 
A 1 86 ALA 86 86 86 ALA ALA A . n 
A 1 87 PHE 87 87 87 PHE PHE A . n 
A 1 88 ARG 88 88 88 ARG ARG A . n 
A 1 89 HIS 89 89 89 HIS HIS A . n 
A 1 90 LYS 90 90 90 LYS LYS A . n 
A 1 91 LEU 91 91 ?  ?   ?   A . n 
A 1 92 ALA 92 92 ?  ?   ?   A . n 
A 1 93 MET 93 93 ?  ?   ?   A . n 
A 1 94 ASP 94 94 ?  ?   ?   A . n 
A 1 95 THR 95 95 ?  ?   ?   A . n 
A 1 96 TYR 96 96 ?  ?   ?   A . n 
A 1 97 LYS 97 97 ?  ?   ?   A . n 
A 1 98 LEU 98 98 ?  ?   ?   A . n 
A 1 99 ASN 99 99 ?  ?   ?   A . n 
# 
loop_
_pdbx_unobs_or_zero_occ_atoms.id 
_pdbx_unobs_or_zero_occ_atoms.PDB_model_num 
_pdbx_unobs_or_zero_occ_atoms.polymer_flag 
_pdbx_unobs_or_zero_occ_atoms.occupancy_flag 
_pdbx_unobs_or_zero_occ_atoms.auth_asym_id 
_pdbx_unobs_or_zero_occ_atoms.auth_comp_id 
_pdbx_unobs_or_zero_occ_atoms.auth_seq_id 
_pdbx_unobs_or_zero_occ_atoms.PDB_ins_code 
_pdbx_unobs_or_zero_occ_atoms.auth_atom_id 
_pdbx_unobs_or_zero_occ_atoms.label_alt_id 
_pdbx_unobs_or_zero_occ_atoms.label_asym_id 
_pdbx_unobs_or_zero_occ_atoms.label_comp_id 
_pdbx_unobs_or_zero_occ_atoms.label_seq_id 
_pdbx_unobs_or_zero_occ_atoms.label_atom_id 
1 1 Y 1 A LYS 90 ? CA ? A LYS 90 CA 
2 1 Y 1 A LYS 90 ? C  ? A LYS 90 C  
3 1 Y 1 A LYS 90 ? O  ? A LYS 90 O  
4 1 Y 1 A LYS 90 ? CB ? A LYS 90 CB 
5 1 Y 1 A LYS 90 ? CG ? A LYS 90 CG 
6 1 Y 1 A LYS 90 ? CD ? A LYS 90 CD 
7 1 Y 1 A LYS 90 ? CE ? A LYS 90 CE 
8 1 Y 1 A LYS 90 ? NZ ? A LYS 90 NZ 
# 
loop_
_software.name 
_software.classification 
_software.version 
_software.citation_id 
_software.pdbx_ordinal 
X-PLOR 'model building' . ? 1 
X-PLOR refinement       . ? 2 
X-PLOR phasing          . ? 3 
# 
_cell.entry_id           1LFB 
_cell.length_a           81.030 
_cell.length_b           81.030 
_cell.length_c           85.180 
_cell.angle_alpha        90.00 
_cell.angle_beta         90.00 
_cell.angle_gamma        120.00 
_cell.Z_PDB              12 
_cell.pdbx_unique_axis   ? 
# 
_symmetry.entry_id                         1LFB 
_symmetry.space_group_name_H-M             'P 61 2 2' 
_symmetry.pdbx_full_space_group_name_H-M   ? 
_symmetry.cell_setting                     ? 
_symmetry.Int_Tables_number                178 
# 
_exptl.entry_id          1LFB 
_exptl.method            'X-RAY DIFFRACTION' 
_exptl.crystals_number   ? 
# 
_exptl_crystal.id                    1 
_exptl_crystal.density_meas          ? 
_exptl_crystal.density_Matthews      3.46 
_exptl_crystal.density_percent_sol   64.40 
_exptl_crystal.description           ? 
# 
_diffrn.id                     1 
_diffrn.ambient_temp           ? 
_diffrn.ambient_temp_details   ? 
_diffrn.crystal_id             1 
# 
_diffrn_radiation.diffrn_id                        1 
_diffrn_radiation.wavelength_id                    1 
_diffrn_radiation.pdbx_monochromatic_or_laue_m_l   ? 
_diffrn_radiation.monochromator                    ? 
_diffrn_radiation.pdbx_diffrn_protocol             ? 
_diffrn_radiation.pdbx_scattering_type             x-ray 
# 
_diffrn_radiation_wavelength.id           1 
_diffrn_radiation_wavelength.wavelength   . 
_diffrn_radiation_wavelength.wt           1.0 
# 
_refine.entry_id                                 1LFB 
_refine.ls_number_reflns_obs                     2487 
_refine.ls_number_reflns_all                     ? 
_refine.pdbx_ls_sigma_I                          ? 
_refine.pdbx_ls_sigma_F                          ? 
_refine.pdbx_data_cutoff_high_absF               ? 
_refine.pdbx_data_cutoff_low_absF                ? 
_refine.pdbx_data_cutoff_high_rms_absF           ? 
_refine.ls_d_res_low                             6.0 
_refine.ls_d_res_high                            2.8 
_refine.ls_percent_reflns_obs                    ? 
_refine.ls_R_factor_obs                          0.2120000 
_refine.ls_R_factor_all                          ? 
_refine.ls_R_factor_R_work                       0.2120000 
_refine.ls_R_factor_R_free                       0.3640000 
_refine.ls_R_factor_R_free_error                 ? 
_refine.ls_R_factor_R_free_error_details         ? 
_refine.ls_percent_reflns_R_free                 ? 
_refine.ls_number_reflns_R_free                  ? 
_refine.ls_number_parameters                     ? 
_refine.ls_number_restraints                     ? 
_refine.occupancy_min                            ? 
_refine.occupancy_max                            ? 
_refine.B_iso_mean                               ? 
_refine.aniso_B[1][1]                            ? 
_refine.aniso_B[2][2]                            ? 
_refine.aniso_B[3][3]                            ? 
_refine.aniso_B[1][2]                            ? 
_refine.aniso_B[1][3]                            ? 
_refine.aniso_B[2][3]                            ? 
_refine.solvent_model_details                    ? 
_refine.solvent_model_param_ksol                 ? 
_refine.solvent_model_param_bsol                 ? 
_refine.pdbx_ls_cross_valid_method               ? 
_refine.details                                  ? 
_refine.pdbx_starting_model                      ? 
_refine.pdbx_method_to_determine_struct          ? 
_refine.pdbx_isotropic_thermal_model             ? 
_refine.pdbx_stereochemistry_target_values       ? 
_refine.pdbx_stereochem_target_val_spec_case     ? 
_refine.pdbx_R_Free_selection_details            ? 
_refine.pdbx_overall_ESU_R                       ? 
_refine.pdbx_overall_ESU_R_Free                  ? 
_refine.overall_SU_ML                            ? 
_refine.overall_SU_B                             ? 
_refine.pdbx_refine_id                           'X-RAY DIFFRACTION' 
_refine.pdbx_diffrn_id                           1 
_refine.pdbx_TLS_residual_ADP_flag               ? 
_refine.correlation_coeff_Fo_to_Fc               ? 
_refine.correlation_coeff_Fo_to_Fc_free          ? 
_refine.pdbx_solvent_vdw_probe_radii             ? 
_refine.pdbx_solvent_ion_probe_radii             ? 
_refine.pdbx_solvent_shrinkage_radii             ? 
_refine.pdbx_overall_phase_error                 ? 
_refine.overall_SU_R_Cruickshank_DPI             ? 
_refine.pdbx_overall_SU_R_free_Cruickshank_DPI   ? 
_refine.pdbx_overall_SU_R_Blow_DPI               ? 
_refine.pdbx_overall_SU_R_free_Blow_DPI          ? 
# 
_refine_hist.pdbx_refine_id                   'X-RAY DIFFRACTION' 
_refine_hist.cycle_id                         LAST 
_refine_hist.pdbx_number_atoms_protein        641 
_refine_hist.pdbx_number_atoms_nucleic_acid   0 
_refine_hist.pdbx_number_atoms_ligand         0 
_refine_hist.number_atoms_solvent             0 
_refine_hist.number_atoms_total               641 
_refine_hist.d_res_high                       2.8 
_refine_hist.d_res_low                        6.0 
# 
loop_
_refine_ls_restr.type 
_refine_ls_restr.dev_ideal 
_refine_ls_restr.dev_ideal_target 
_refine_ls_restr.weight 
_refine_ls_restr.number 
_refine_ls_restr.pdbx_refine_id 
_refine_ls_restr.pdbx_restraint_function 
x_bond_d                0.013 ? ? ? 'X-RAY DIFFRACTION' ? 
x_bond_d_na             ?     ? ? ? 'X-RAY DIFFRACTION' ? 
x_bond_d_prot           ?     ? ? ? 'X-RAY DIFFRACTION' ? 
x_angle_d               ?     ? ? ? 'X-RAY DIFFRACTION' ? 
x_angle_d_na            ?     ? ? ? 'X-RAY DIFFRACTION' ? 
x_angle_d_prot          ?     ? ? ? 'X-RAY DIFFRACTION' ? 
x_angle_deg             3.36  ? ? ? 'X-RAY DIFFRACTION' ? 
x_angle_deg_na          ?     ? ? ? 'X-RAY DIFFRACTION' ? 
x_angle_deg_prot        ?     ? ? ? 'X-RAY DIFFRACTION' ? 
x_dihedral_angle_d      ?     ? ? ? 'X-RAY DIFFRACTION' ? 
x_dihedral_angle_d_na   ?     ? ? ? 'X-RAY DIFFRACTION' ? 
x_dihedral_angle_d_prot ?     ? ? ? 'X-RAY DIFFRACTION' ? 
x_improper_angle_d      ?     ? ? ? 'X-RAY DIFFRACTION' ? 
x_improper_angle_d_na   ?     ? ? ? 'X-RAY DIFFRACTION' ? 
x_improper_angle_d_prot ?     ? ? ? 'X-RAY DIFFRACTION' ? 
x_mcbond_it             ?     ? ? ? 'X-RAY DIFFRACTION' ? 
x_mcangle_it            ?     ? ? ? 'X-RAY DIFFRACTION' ? 
x_scbond_it             ?     ? ? ? 'X-RAY DIFFRACTION' ? 
x_scangle_it            ?     ? ? ? 'X-RAY DIFFRACTION' ? 
# 
_struct.entry_id                  1LFB 
_struct.title                     
;THE X-RAY STRUCTURE OF AN ATYPICAL HOMEODOMAIN PRESENT IN THE RAT LIVER TRANSCRIPTION FACTOR LFB1(SLASH)HNF1 AND IMPLICATIONS FOR DNA BINDING
;
_struct.pdbx_model_details        ? 
_struct.pdbx_CASP_flag            ? 
_struct.pdbx_model_type_details   ? 
# 
_struct_keywords.entry_id        1LFB 
_struct_keywords.pdbx_keywords   'TRANSCRIPTION REGULATION' 
_struct_keywords.text            'TRANSCRIPTION REGULATION' 
# 
_struct_asym.id                            A 
_struct_asym.pdbx_blank_PDB_chainid_flag   N 
_struct_asym.pdbx_modified                 N 
_struct_asym.entity_id                     1 
_struct_asym.details                       ? 
# 
_struct_ref.id                         1 
_struct_ref.db_name                    UNP 
_struct_ref.db_code                    HNF1A_MOUSE 
_struct_ref.entity_id                  1 
_struct_ref.pdbx_db_accession          P22361 
_struct_ref.pdbx_align_begin           1 
_struct_ref.pdbx_seq_one_letter_code   
;MVSKLSQLQTELLAALLESGLSKEALIQALGEPGPYLMVGDGPLDKGESCGGTRGDLTELPNGLGETRGSEDDTDDDGED
FAPPILKELENLSPEEAAHQKAVVESLLQEDPWRVAKMVKSYLQQHNIPQREVVDTTGLNQSHLSQHLNKGTPMKTQKRA
ALYTWYVRKQREVAQQFTHAGQGGLIEEPTGDELPTKKGRRNRFKWGPASQQILFQAYERQKNPSKEERETLVEECNRAE
CIQRGVSPSQAQGLGSNLVTEVRVYNWFANRRKEEAFRHKLAMDTYNGPPPGPGPGPALPAHSSPGLPTTTLSPSKVHGV
RYGQSATSEAAEVPSSSGGPLVTVSAALHQVSPTGLEPSSLLSTEAKLVSATGGPLPPVSTLTALHSLEQTSPGLNQQPQ
NLIMASLPGVMTIGPGEPASLGPTFTNTGASTLVIGLASTQAQSVPVINSMGSSLTTLQPVQFSQPLHPSYQQPLMPPVQ
SHVAQSPFMATMAQLQSPHALYSHKPEVAQYTHTSLLPQTMLITDTNLSTLASLTPTKQVFTSDTEASSEPGLHEPSSPA
TTIHIPSQDPSNIQHLQPAHRLSTSPTVSSSSLVLYQSSDSNGHSHLLPSNHGVIETFISTQMASSSQ
;
_struct_ref.pdbx_db_isoform            ? 
# 
_struct_ref_seq.align_id                      1 
_struct_ref_seq.ref_id                        1 
_struct_ref_seq.pdbx_PDB_id_code              1LFB 
_struct_ref_seq.pdbx_strand_id                A 
_struct_ref_seq.seq_align_beg                 5 
_struct_ref_seq.pdbx_seq_align_beg_ins_code   ? 
_struct_ref_seq.seq_align_end                 96 
_struct_ref_seq.pdbx_seq_align_end_ins_code   ? 
_struct_ref_seq.pdbx_db_accession             P22361 
_struct_ref_seq.db_align_beg                  195 
_struct_ref_seq.pdbx_db_align_beg_ins_code    ? 
_struct_ref_seq.db_align_end                  286 
_struct_ref_seq.pdbx_db_align_end_ins_code    ? 
_struct_ref_seq.pdbx_auth_seq_align_beg       5 
_struct_ref_seq.pdbx_auth_seq_align_end       96 
# 
_pdbx_struct_assembly.id                   1 
_pdbx_struct_assembly.details              author_defined_assembly 
_pdbx_struct_assembly.method_details       ? 
_pdbx_struct_assembly.oligomeric_details   dimeric 
_pdbx_struct_assembly.oligomeric_count     2 
# 
_pdbx_struct_assembly_gen.assembly_id       1 
_pdbx_struct_assembly_gen.oper_expression   1,2 
_pdbx_struct_assembly_gen.asym_id_list      A 
# 
loop_
_pdbx_struct_oper_list.id 
_pdbx_struct_oper_list.type 
_pdbx_struct_oper_list.name 
_pdbx_struct_oper_list.symmetry_operation 
_pdbx_struct_oper_list.matrix[1][1] 
_pdbx_struct_oper_list.matrix[1][2] 
_pdbx_struct_oper_list.matrix[1][3] 
_pdbx_struct_oper_list.vector[1] 
_pdbx_struct_oper_list.matrix[2][1] 
_pdbx_struct_oper_list.matrix[2][2] 
_pdbx_struct_oper_list.matrix[2][3] 
_pdbx_struct_oper_list.vector[2] 
_pdbx_struct_oper_list.matrix[3][1] 
_pdbx_struct_oper_list.matrix[3][2] 
_pdbx_struct_oper_list.matrix[3][3] 
_pdbx_struct_oper_list.vector[3] 
1 'identity operation'         1_555  x,y,z         1.0000000000  0.0000000000 0.0000000000 0.0000000000  0.0000000000 1.0000000000 0.0000000000 0.0000000000  0.0000000000 0.0000000000 1.0000000000  0.0000000000  
2 'crystal symmetry operation' 11_555 -x+y,y,-z+1/2 -0.8408345627 0.4424768454 0.3117875549 19.3906092484 0.4424768454 0.2300770952 0.8667633884 -4.0071624774 0.3117875549 0.8667633884 -0.3892425325 -4.2119647411 
# 
_struct_biol.id   1 
# 
loop_
_struct_conf.conf_type_id 
_struct_conf.id 
_struct_conf.pdbx_PDB_helix_id 
_struct_conf.beg_label_comp_id 
_struct_conf.beg_label_asym_id 
_struct_conf.beg_label_seq_id 
_struct_conf.pdbx_beg_PDB_ins_code 
_struct_conf.end_label_comp_id 
_struct_conf.end_label_asym_id 
_struct_conf.end_label_seq_id 
_struct_conf.pdbx_end_PDB_ins_code 
_struct_conf.beg_auth_comp_id 
_struct_conf.beg_auth_asym_id 
_struct_conf.beg_auth_seq_id 
_struct_conf.end_auth_comp_id 
_struct_conf.end_auth_asym_id 
_struct_conf.end_auth_seq_id 
_struct_conf.pdbx_PDB_helix_class 
_struct_conf.details 
_struct_conf.pdbx_PDB_helix_length 
HELX_P HELX_P1 A PRO A 18 ? ARG A 30 ? PRO A 18 ARG A 30 1 ?                       13 
HELX_P HELX_P2 B LYS A 36 ? ARG A 54 ? LYS A 36 ARG A 54 1 ?                       19 
HELX_P HELX_P3 C GLU A 71 ? ALA A 86 ? GLU A 71 ALA A 86 1 'DNA RECOGNITION HELIX' 16 
# 
_struct_conf_type.id          HELX_P 
_struct_conf_type.criteria    ? 
_struct_conf_type.reference   ? 
# 
_pdbx_validate_rmsd_bond.id                        1 
_pdbx_validate_rmsd_bond.PDB_model_num             1 
_pdbx_validate_rmsd_bond.auth_atom_id_1            NE2 
_pdbx_validate_rmsd_bond.auth_asym_id_1            A 
_pdbx_validate_rmsd_bond.auth_comp_id_1            HIS 
_pdbx_validate_rmsd_bond.auth_seq_id_1             89 
_pdbx_validate_rmsd_bond.PDB_ins_code_1            ? 
_pdbx_validate_rmsd_bond.label_alt_id_1            ? 
_pdbx_validate_rmsd_bond.auth_atom_id_2            CD2 
_pdbx_validate_rmsd_bond.auth_asym_id_2            A 
_pdbx_validate_rmsd_bond.auth_comp_id_2            HIS 
_pdbx_validate_rmsd_bond.auth_seq_id_2             89 
_pdbx_validate_rmsd_bond.PDB_ins_code_2            ? 
_pdbx_validate_rmsd_bond.label_alt_id_2            ? 
_pdbx_validate_rmsd_bond.bond_value                1.301 
_pdbx_validate_rmsd_bond.bond_target_value         1.373 
_pdbx_validate_rmsd_bond.bond_deviation            -0.072 
_pdbx_validate_rmsd_bond.bond_standard_deviation   0.011 
_pdbx_validate_rmsd_bond.linker_flag               N 
# 
loop_
_pdbx_validate_rmsd_angle.id 
_pdbx_validate_rmsd_angle.PDB_model_num 
_pdbx_validate_rmsd_angle.auth_atom_id_1 
_pdbx_validate_rmsd_angle.auth_asym_id_1 
_pdbx_validate_rmsd_angle.auth_comp_id_1 
_pdbx_validate_rmsd_angle.auth_seq_id_1 
_pdbx_validate_rmsd_angle.PDB_ins_code_1 
_pdbx_validate_rmsd_angle.label_alt_id_1 
_pdbx_validate_rmsd_angle.auth_atom_id_2 
_pdbx_validate_rmsd_angle.auth_asym_id_2 
_pdbx_validate_rmsd_angle.auth_comp_id_2 
_pdbx_validate_rmsd_angle.auth_seq_id_2 
_pdbx_validate_rmsd_angle.PDB_ins_code_2 
_pdbx_validate_rmsd_angle.label_alt_id_2 
_pdbx_validate_rmsd_angle.auth_atom_id_3 
_pdbx_validate_rmsd_angle.auth_asym_id_3 
_pdbx_validate_rmsd_angle.auth_comp_id_3 
_pdbx_validate_rmsd_angle.auth_seq_id_3 
_pdbx_validate_rmsd_angle.PDB_ins_code_3 
_pdbx_validate_rmsd_angle.label_alt_id_3 
_pdbx_validate_rmsd_angle.angle_value 
_pdbx_validate_rmsd_angle.angle_target_value 
_pdbx_validate_rmsd_angle.angle_deviation 
_pdbx_validate_rmsd_angle.angle_standard_deviation 
_pdbx_validate_rmsd_angle.linker_flag 
1  1 CD1 A TRP 16 ? ? CG  A TRP 16 ? ? CD2 A TRP 16 ? ? 113.60 106.30 7.30  0.80 N 
2  1 CB  A TRP 16 ? ? CG  A TRP 16 ? ? CD1 A TRP 16 ? ? 118.42 127.00 -8.58 1.30 N 
3  1 CG  A TRP 16 ? ? CD1 A TRP 16 ? ? NE1 A TRP 16 ? ? 103.42 110.10 -6.68 1.00 N 
4  1 CE2 A TRP 16 ? ? CD2 A TRP 16 ? ? CG  A TRP 16 ? ? 101.22 107.30 -6.08 0.80 N 
5  1 CG  A TRP 16 ? ? CD2 A TRP 16 ? ? CE3 A TRP 16 ? ? 140.04 133.90 6.14  0.90 N 
6  1 NE  A ARG 39 ? ? CZ  A ARG 39 ? ? NH1 A ARG 39 ? ? 123.64 120.30 3.34  0.50 N 
7  1 NE  A ARG 48 ? ? CZ  A ARG 48 ? ? NH1 A ARG 48 ? ? 124.83 120.30 4.53  0.50 N 
8  1 NE  A ARG 48 ? ? CZ  A ARG 48 ? ? NH2 A ARG 48 ? ? 116.00 120.30 -4.30 0.50 N 
9  1 NE  A ARG 54 ? ? CZ  A ARG 54 ? ? NH1 A ARG 54 ? ? 123.50 120.30 3.20  0.50 N 
10 1 CD1 A TRP 77 ? ? CG  A TRP 77 ? ? CD2 A TRP 77 ? ? 112.17 106.30 5.87  0.80 N 
11 1 CB  A TRP 77 ? ? CG  A TRP 77 ? ? CD1 A TRP 77 ? ? 118.94 127.00 -8.06 1.30 N 
12 1 CE2 A TRP 77 ? ? CD2 A TRP 77 ? ? CG  A TRP 77 ? ? 101.52 107.30 -5.78 0.80 N 
13 1 NE  A ARG 82 ? ? CZ  A ARG 82 ? ? NH1 A ARG 82 ? ? 123.31 120.30 3.01  0.50 N 
# 
loop_
_pdbx_validate_torsion.id 
_pdbx_validate_torsion.PDB_model_num 
_pdbx_validate_torsion.auth_comp_id 
_pdbx_validate_torsion.auth_asym_id 
_pdbx_validate_torsion.auth_seq_id 
_pdbx_validate_torsion.PDB_ins_code 
_pdbx_validate_torsion.label_alt_id 
_pdbx_validate_torsion.phi 
_pdbx_validate_torsion.psi 
1 1 PHE A 14 ? ? 132.57  120.82  
2 1 ILE A 52 ? ? -65.98  1.27    
3 1 ASN A 67 ? ? -80.64  33.87   
4 1 PHE A 87 ? ? -116.27 -157.12 
5 1 ARG A 88 ? ? -105.52 -140.28 
6 1 HIS A 89 ? ? 70.15   -64.62  
# 
loop_
_pdbx_unobs_or_zero_occ_residues.id 
_pdbx_unobs_or_zero_occ_residues.PDB_model_num 
_pdbx_unobs_or_zero_occ_residues.polymer_flag 
_pdbx_unobs_or_zero_occ_residues.occupancy_flag 
_pdbx_unobs_or_zero_occ_residues.auth_asym_id 
_pdbx_unobs_or_zero_occ_residues.auth_comp_id 
_pdbx_unobs_or_zero_occ_residues.auth_seq_id 
_pdbx_unobs_or_zero_occ_residues.PDB_ins_code 
_pdbx_unobs_or_zero_occ_residues.label_asym_id 
_pdbx_unobs_or_zero_occ_residues.label_comp_id 
_pdbx_unobs_or_zero_occ_residues.label_seq_id 
1  1 Y 1 A ALA 1  ? A ALA 1  
2  1 Y 1 A ARG 2  ? A ARG 2  
3  1 Y 1 A ILE 3  ? A ILE 3  
4  1 Y 1 A ASP 4  ? A ASP 4  
5  1 Y 1 A PRO 5  ? A PRO 5  
6  1 Y 1 A THR 6  ? A THR 6  
7  1 Y 1 A LYS 7  ? A LYS 7  
8  1 Y 1 A LYS 8  ? A LYS 8  
9  1 Y 1 A GLY 9  ? A GLY 9  
10 1 Y 1 A ARG 10 ? A ARG 10 
11 1 Y 1 A ARG 11 ? A ARG 11 
12 1 Y 1 A ASN 12 ? A ASN 12 
13 1 Y 1 A LEU 91 ? A LEU 91 
14 1 Y 1 A ALA 92 ? A ALA 92 
15 1 Y 1 A MET 93 ? A MET 93 
16 1 Y 1 A ASP 94 ? A ASP 94 
17 1 Y 1 A THR 95 ? A THR 95 
18 1 Y 1 A TYR 96 ? A TYR 96 
19 1 Y 1 A LYS 97 ? A LYS 97 
20 1 Y 1 A LEU 98 ? A LEU 98 
21 1 Y 1 A ASN 99 ? A ASN 99 
# 
loop_
_chem_comp_atom.comp_id 
_chem_comp_atom.atom_id 
_chem_comp_atom.type_symbol 
_chem_comp_atom.pdbx_aromatic_flag 
_chem_comp_atom.pdbx_stereo_config 
_chem_comp_atom.pdbx_ordinal 
ALA N    N N N 1   
ALA CA   C N S 2   
ALA C    C N N 3   
ALA O    O N N 4   
ALA CB   C N N 5   
ALA OXT  O N N 6   
ALA H    H N N 7   
ALA H2   H N N 8   
ALA HA   H N N 9   
ALA HB1  H N N 10  
ALA HB2  H N N 11  
ALA HB3  H N N 12  
ALA HXT  H N N 13  
ARG N    N N N 14  
ARG CA   C N S 15  
ARG C    C N N 16  
ARG O    O N N 17  
ARG CB   C N N 18  
ARG CG   C N N 19  
ARG CD   C N N 20  
ARG NE   N N N 21  
ARG CZ   C N N 22  
ARG NH1  N N N 23  
ARG NH2  N N N 24  
ARG OXT  O N N 25  
ARG H    H N N 26  
ARG H2   H N N 27  
ARG HA   H N N 28  
ARG HB2  H N N 29  
ARG HB3  H N N 30  
ARG HG2  H N N 31  
ARG HG3  H N N 32  
ARG HD2  H N N 33  
ARG HD3  H N N 34  
ARG HE   H N N 35  
ARG HH11 H N N 36  
ARG HH12 H N N 37  
ARG HH21 H N N 38  
ARG HH22 H N N 39  
ARG HXT  H N N 40  
ASN N    N N N 41  
ASN CA   C N S 42  
ASN C    C N N 43  
ASN O    O N N 44  
ASN CB   C N N 45  
ASN CG   C N N 46  
ASN OD1  O N N 47  
ASN ND2  N N N 48  
ASN OXT  O N N 49  
ASN H    H N N 50  
ASN H2   H N N 51  
ASN HA   H N N 52  
ASN HB2  H N N 53  
ASN HB3  H N N 54  
ASN HD21 H N N 55  
ASN HD22 H N N 56  
ASN HXT  H N N 57  
ASP N    N N N 58  
ASP CA   C N S 59  
ASP C    C N N 60  
ASP O    O N N 61  
ASP CB   C N N 62  
ASP CG   C N N 63  
ASP OD1  O N N 64  
ASP OD2  O N N 65  
ASP OXT  O N N 66  
ASP H    H N N 67  
ASP H2   H N N 68  
ASP HA   H N N 69  
ASP HB2  H N N 70  
ASP HB3  H N N 71  
ASP HD2  H N N 72  
ASP HXT  H N N 73  
CYS N    N N N 74  
CYS CA   C N R 75  
CYS C    C N N 76  
CYS O    O N N 77  
CYS CB   C N N 78  
CYS SG   S N N 79  
CYS OXT  O N N 80  
CYS H    H N N 81  
CYS H2   H N N 82  
CYS HA   H N N 83  
CYS HB2  H N N 84  
CYS HB3  H N N 85  
CYS HG   H N N 86  
CYS HXT  H N N 87  
GLN N    N N N 88  
GLN CA   C N S 89  
GLN C    C N N 90  
GLN O    O N N 91  
GLN CB   C N N 92  
GLN CG   C N N 93  
GLN CD   C N N 94  
GLN OE1  O N N 95  
GLN NE2  N N N 96  
GLN OXT  O N N 97  
GLN H    H N N 98  
GLN H2   H N N 99  
GLN HA   H N N 100 
GLN HB2  H N N 101 
GLN HB3  H N N 102 
GLN HG2  H N N 103 
GLN HG3  H N N 104 
GLN HE21 H N N 105 
GLN HE22 H N N 106 
GLN HXT  H N N 107 
GLU N    N N N 108 
GLU CA   C N S 109 
GLU C    C N N 110 
GLU O    O N N 111 
GLU CB   C N N 112 
GLU CG   C N N 113 
GLU CD   C N N 114 
GLU OE1  O N N 115 
GLU OE2  O N N 116 
GLU OXT  O N N 117 
GLU H    H N N 118 
GLU H2   H N N 119 
GLU HA   H N N 120 
GLU HB2  H N N 121 
GLU HB3  H N N 122 
GLU HG2  H N N 123 
GLU HG3  H N N 124 
GLU HE2  H N N 125 
GLU HXT  H N N 126 
GLY N    N N N 127 
GLY CA   C N N 128 
GLY C    C N N 129 
GLY O    O N N 130 
GLY OXT  O N N 131 
GLY H    H N N 132 
GLY H2   H N N 133 
GLY HA2  H N N 134 
GLY HA3  H N N 135 
GLY HXT  H N N 136 
HIS N    N N N 137 
HIS CA   C N S 138 
HIS C    C N N 139 
HIS O    O N N 140 
HIS CB   C N N 141 
HIS CG   C Y N 142 
HIS ND1  N Y N 143 
HIS CD2  C Y N 144 
HIS CE1  C Y N 145 
HIS NE2  N Y N 146 
HIS OXT  O N N 147 
HIS H    H N N 148 
HIS H2   H N N 149 
HIS HA   H N N 150 
HIS HB2  H N N 151 
HIS HB3  H N N 152 
HIS HD1  H N N 153 
HIS HD2  H N N 154 
HIS HE1  H N N 155 
HIS HE2  H N N 156 
HIS HXT  H N N 157 
ILE N    N N N 158 
ILE CA   C N S 159 
ILE C    C N N 160 
ILE O    O N N 161 
ILE CB   C N S 162 
ILE CG1  C N N 163 
ILE CG2  C N N 164 
ILE CD1  C N N 165 
ILE OXT  O N N 166 
ILE H    H N N 167 
ILE H2   H N N 168 
ILE HA   H N N 169 
ILE HB   H N N 170 
ILE HG12 H N N 171 
ILE HG13 H N N 172 
ILE HG21 H N N 173 
ILE HG22 H N N 174 
ILE HG23 H N N 175 
ILE HD11 H N N 176 
ILE HD12 H N N 177 
ILE HD13 H N N 178 
ILE HXT  H N N 179 
LEU N    N N N 180 
LEU CA   C N S 181 
LEU C    C N N 182 
LEU O    O N N 183 
LEU CB   C N N 184 
LEU CG   C N N 185 
LEU CD1  C N N 186 
LEU CD2  C N N 187 
LEU OXT  O N N 188 
LEU H    H N N 189 
LEU H2   H N N 190 
LEU HA   H N N 191 
LEU HB2  H N N 192 
LEU HB3  H N N 193 
LEU HG   H N N 194 
LEU HD11 H N N 195 
LEU HD12 H N N 196 
LEU HD13 H N N 197 
LEU HD21 H N N 198 
LEU HD22 H N N 199 
LEU HD23 H N N 200 
LEU HXT  H N N 201 
LYS N    N N N 202 
LYS CA   C N S 203 
LYS C    C N N 204 
LYS O    O N N 205 
LYS CB   C N N 206 
LYS CG   C N N 207 
LYS CD   C N N 208 
LYS CE   C N N 209 
LYS NZ   N N N 210 
LYS OXT  O N N 211 
LYS H    H N N 212 
LYS H2   H N N 213 
LYS HA   H N N 214 
LYS HB2  H N N 215 
LYS HB3  H N N 216 
LYS HG2  H N N 217 
LYS HG3  H N N 218 
LYS HD2  H N N 219 
LYS HD3  H N N 220 
LYS HE2  H N N 221 
LYS HE3  H N N 222 
LYS HZ1  H N N 223 
LYS HZ2  H N N 224 
LYS HZ3  H N N 225 
LYS HXT  H N N 226 
MET N    N N N 227 
MET CA   C N S 228 
MET C    C N N 229 
MET O    O N N 230 
MET CB   C N N 231 
MET CG   C N N 232 
MET SD   S N N 233 
MET CE   C N N 234 
MET OXT  O N N 235 
MET H    H N N 236 
MET H2   H N N 237 
MET HA   H N N 238 
MET HB2  H N N 239 
MET HB3  H N N 240 
MET HG2  H N N 241 
MET HG3  H N N 242 
MET HE1  H N N 243 
MET HE2  H N N 244 
MET HE3  H N N 245 
MET HXT  H N N 246 
PHE N    N N N 247 
PHE CA   C N S 248 
PHE C    C N N 249 
PHE O    O N N 250 
PHE CB   C N N 251 
PHE CG   C Y N 252 
PHE CD1  C Y N 253 
PHE CD2  C Y N 254 
PHE CE1  C Y N 255 
PHE CE2  C Y N 256 
PHE CZ   C Y N 257 
PHE OXT  O N N 258 
PHE H    H N N 259 
PHE H2   H N N 260 
PHE HA   H N N 261 
PHE HB2  H N N 262 
PHE HB3  H N N 263 
PHE HD1  H N N 264 
PHE HD2  H N N 265 
PHE HE1  H N N 266 
PHE HE2  H N N 267 
PHE HZ   H N N 268 
PHE HXT  H N N 269 
PRO N    N N N 270 
PRO CA   C N S 271 
PRO C    C N N 272 
PRO O    O N N 273 
PRO CB   C N N 274 
PRO CG   C N N 275 
PRO CD   C N N 276 
PRO OXT  O N N 277 
PRO H    H N N 278 
PRO HA   H N N 279 
PRO HB2  H N N 280 
PRO HB3  H N N 281 
PRO HG2  H N N 282 
PRO HG3  H N N 283 
PRO HD2  H N N 284 
PRO HD3  H N N 285 
PRO HXT  H N N 286 
SER N    N N N 287 
SER CA   C N S 288 
SER C    C N N 289 
SER O    O N N 290 
SER CB   C N N 291 
SER OG   O N N 292 
SER OXT  O N N 293 
SER H    H N N 294 
SER H2   H N N 295 
SER HA   H N N 296 
SER HB2  H N N 297 
SER HB3  H N N 298 
SER HG   H N N 299 
SER HXT  H N N 300 
THR N    N N N 301 
THR CA   C N S 302 
THR C    C N N 303 
THR O    O N N 304 
THR CB   C N R 305 
THR OG1  O N N 306 
THR CG2  C N N 307 
THR OXT  O N N 308 
THR H    H N N 309 
THR H2   H N N 310 
THR HA   H N N 311 
THR HB   H N N 312 
THR HG1  H N N 313 
THR HG21 H N N 314 
THR HG22 H N N 315 
THR HG23 H N N 316 
THR HXT  H N N 317 
TRP N    N N N 318 
TRP CA   C N S 319 
TRP C    C N N 320 
TRP O    O N N 321 
TRP CB   C N N 322 
TRP CG   C Y N 323 
TRP CD1  C Y N 324 
TRP CD2  C Y N 325 
TRP NE1  N Y N 326 
TRP CE2  C Y N 327 
TRP CE3  C Y N 328 
TRP CZ2  C Y N 329 
TRP CZ3  C Y N 330 
TRP CH2  C Y N 331 
TRP OXT  O N N 332 
TRP H    H N N 333 
TRP H2   H N N 334 
TRP HA   H N N 335 
TRP HB2  H N N 336 
TRP HB3  H N N 337 
TRP HD1  H N N 338 
TRP HE1  H N N 339 
TRP HE3  H N N 340 
TRP HZ2  H N N 341 
TRP HZ3  H N N 342 
TRP HH2  H N N 343 
TRP HXT  H N N 344 
TYR N    N N N 345 
TYR CA   C N S 346 
TYR C    C N N 347 
TYR O    O N N 348 
TYR CB   C N N 349 
TYR CG   C Y N 350 
TYR CD1  C Y N 351 
TYR CD2  C Y N 352 
TYR CE1  C Y N 353 
TYR CE2  C Y N 354 
TYR CZ   C Y N 355 
TYR OH   O N N 356 
TYR OXT  O N N 357 
TYR H    H N N 358 
TYR H2   H N N 359 
TYR HA   H N N 360 
TYR HB2  H N N 361 
TYR HB3  H N N 362 
TYR HD1  H N N 363 
TYR HD2  H N N 364 
TYR HE1  H N N 365 
TYR HE2  H N N 366 
TYR HH   H N N 367 
TYR HXT  H N N 368 
VAL N    N N N 369 
VAL CA   C N S 370 
VAL C    C N N 371 
VAL O    O N N 372 
VAL CB   C N N 373 
VAL CG1  C N N 374 
VAL CG2  C N N 375 
VAL OXT  O N N 376 
VAL H    H N N 377 
VAL H2   H N N 378 
VAL HA   H N N 379 
VAL HB   H N N 380 
VAL HG11 H N N 381 
VAL HG12 H N N 382 
VAL HG13 H N N 383 
VAL HG21 H N N 384 
VAL HG22 H N N 385 
VAL HG23 H N N 386 
VAL HXT  H N N 387 
# 
loop_
_chem_comp_bond.comp_id 
_chem_comp_bond.atom_id_1 
_chem_comp_bond.atom_id_2 
_chem_comp_bond.value_order 
_chem_comp_bond.pdbx_aromatic_flag 
_chem_comp_bond.pdbx_stereo_config 
_chem_comp_bond.pdbx_ordinal 
ALA N   CA   sing N N 1   
ALA N   H    sing N N 2   
ALA N   H2   sing N N 3   
ALA CA  C    sing N N 4   
ALA CA  CB   sing N N 5   
ALA CA  HA   sing N N 6   
ALA C   O    doub N N 7   
ALA C   OXT  sing N N 8   
ALA CB  HB1  sing N N 9   
ALA CB  HB2  sing N N 10  
ALA CB  HB3  sing N N 11  
ALA OXT HXT  sing N N 12  
ARG N   CA   sing N N 13  
ARG N   H    sing N N 14  
ARG N   H2   sing N N 15  
ARG CA  C    sing N N 16  
ARG CA  CB   sing N N 17  
ARG CA  HA   sing N N 18  
ARG C   O    doub N N 19  
ARG C   OXT  sing N N 20  
ARG CB  CG   sing N N 21  
ARG CB  HB2  sing N N 22  
ARG CB  HB3  sing N N 23  
ARG CG  CD   sing N N 24  
ARG CG  HG2  sing N N 25  
ARG CG  HG3  sing N N 26  
ARG CD  NE   sing N N 27  
ARG CD  HD2  sing N N 28  
ARG CD  HD3  sing N N 29  
ARG NE  CZ   sing N N 30  
ARG NE  HE   sing N N 31  
ARG CZ  NH1  sing N N 32  
ARG CZ  NH2  doub N N 33  
ARG NH1 HH11 sing N N 34  
ARG NH1 HH12 sing N N 35  
ARG NH2 HH21 sing N N 36  
ARG NH2 HH22 sing N N 37  
ARG OXT HXT  sing N N 38  
ASN N   CA   sing N N 39  
ASN N   H    sing N N 40  
ASN N   H2   sing N N 41  
ASN CA  C    sing N N 42  
ASN CA  CB   sing N N 43  
ASN CA  HA   sing N N 44  
ASN C   O    doub N N 45  
ASN C   OXT  sing N N 46  
ASN CB  CG   sing N N 47  
ASN CB  HB2  sing N N 48  
ASN CB  HB3  sing N N 49  
ASN CG  OD1  doub N N 50  
ASN CG  ND2  sing N N 51  
ASN ND2 HD21 sing N N 52  
ASN ND2 HD22 sing N N 53  
ASN OXT HXT  sing N N 54  
ASP N   CA   sing N N 55  
ASP N   H    sing N N 56  
ASP N   H2   sing N N 57  
ASP CA  C    sing N N 58  
ASP CA  CB   sing N N 59  
ASP CA  HA   sing N N 60  
ASP C   O    doub N N 61  
ASP C   OXT  sing N N 62  
ASP CB  CG   sing N N 63  
ASP CB  HB2  sing N N 64  
ASP CB  HB3  sing N N 65  
ASP CG  OD1  doub N N 66  
ASP CG  OD2  sing N N 67  
ASP OD2 HD2  sing N N 68  
ASP OXT HXT  sing N N 69  
CYS N   CA   sing N N 70  
CYS N   H    sing N N 71  
CYS N   H2   sing N N 72  
CYS CA  C    sing N N 73  
CYS CA  CB   sing N N 74  
CYS CA  HA   sing N N 75  
CYS C   O    doub N N 76  
CYS C   OXT  sing N N 77  
CYS CB  SG   sing N N 78  
CYS CB  HB2  sing N N 79  
CYS CB  HB3  sing N N 80  
CYS SG  HG   sing N N 81  
CYS OXT HXT  sing N N 82  
GLN N   CA   sing N N 83  
GLN N   H    sing N N 84  
GLN N   H2   sing N N 85  
GLN CA  C    sing N N 86  
GLN CA  CB   sing N N 87  
GLN CA  HA   sing N N 88  
GLN C   O    doub N N 89  
GLN C   OXT  sing N N 90  
GLN CB  CG   sing N N 91  
GLN CB  HB2  sing N N 92  
GLN CB  HB3  sing N N 93  
GLN CG  CD   sing N N 94  
GLN CG  HG2  sing N N 95  
GLN CG  HG3  sing N N 96  
GLN CD  OE1  doub N N 97  
GLN CD  NE2  sing N N 98  
GLN NE2 HE21 sing N N 99  
GLN NE2 HE22 sing N N 100 
GLN OXT HXT  sing N N 101 
GLU N   CA   sing N N 102 
GLU N   H    sing N N 103 
GLU N   H2   sing N N 104 
GLU CA  C    sing N N 105 
GLU CA  CB   sing N N 106 
GLU CA  HA   sing N N 107 
GLU C   O    doub N N 108 
GLU C   OXT  sing N N 109 
GLU CB  CG   sing N N 110 
GLU CB  HB2  sing N N 111 
GLU CB  HB3  sing N N 112 
GLU CG  CD   sing N N 113 
GLU CG  HG2  sing N N 114 
GLU CG  HG3  sing N N 115 
GLU CD  OE1  doub N N 116 
GLU CD  OE2  sing N N 117 
GLU OE2 HE2  sing N N 118 
GLU OXT HXT  sing N N 119 
GLY N   CA   sing N N 120 
GLY N   H    sing N N 121 
GLY N   H2   sing N N 122 
GLY CA  C    sing N N 123 
GLY CA  HA2  sing N N 124 
GLY CA  HA3  sing N N 125 
GLY C   O    doub N N 126 
GLY C   OXT  sing N N 127 
GLY OXT HXT  sing N N 128 
HIS N   CA   sing N N 129 
HIS N   H    sing N N 130 
HIS N   H2   sing N N 131 
HIS CA  C    sing N N 132 
HIS CA  CB   sing N N 133 
HIS CA  HA   sing N N 134 
HIS C   O    doub N N 135 
HIS C   OXT  sing N N 136 
HIS CB  CG   sing N N 137 
HIS CB  HB2  sing N N 138 
HIS CB  HB3  sing N N 139 
HIS CG  ND1  sing Y N 140 
HIS CG  CD2  doub Y N 141 
HIS ND1 CE1  doub Y N 142 
HIS ND1 HD1  sing N N 143 
HIS CD2 NE2  sing Y N 144 
HIS CD2 HD2  sing N N 145 
HIS CE1 NE2  sing Y N 146 
HIS CE1 HE1  sing N N 147 
HIS NE2 HE2  sing N N 148 
HIS OXT HXT  sing N N 149 
ILE N   CA   sing N N 150 
ILE N   H    sing N N 151 
ILE N   H2   sing N N 152 
ILE CA  C    sing N N 153 
ILE CA  CB   sing N N 154 
ILE CA  HA   sing N N 155 
ILE C   O    doub N N 156 
ILE C   OXT  sing N N 157 
ILE CB  CG1  sing N N 158 
ILE CB  CG2  sing N N 159 
ILE CB  HB   sing N N 160 
ILE CG1 CD1  sing N N 161 
ILE CG1 HG12 sing N N 162 
ILE CG1 HG13 sing N N 163 
ILE CG2 HG21 sing N N 164 
ILE CG2 HG22 sing N N 165 
ILE CG2 HG23 sing N N 166 
ILE CD1 HD11 sing N N 167 
ILE CD1 HD12 sing N N 168 
ILE CD1 HD13 sing N N 169 
ILE OXT HXT  sing N N 170 
LEU N   CA   sing N N 171 
LEU N   H    sing N N 172 
LEU N   H2   sing N N 173 
LEU CA  C    sing N N 174 
LEU CA  CB   sing N N 175 
LEU CA  HA   sing N N 176 
LEU C   O    doub N N 177 
LEU C   OXT  sing N N 178 
LEU CB  CG   sing N N 179 
LEU CB  HB2  sing N N 180 
LEU CB  HB3  sing N N 181 
LEU CG  CD1  sing N N 182 
LEU CG  CD2  sing N N 183 
LEU CG  HG   sing N N 184 
LEU CD1 HD11 sing N N 185 
LEU CD1 HD12 sing N N 186 
LEU CD1 HD13 sing N N 187 
LEU CD2 HD21 sing N N 188 
LEU CD2 HD22 sing N N 189 
LEU CD2 HD23 sing N N 190 
LEU OXT HXT  sing N N 191 
LYS N   CA   sing N N 192 
LYS N   H    sing N N 193 
LYS N   H2   sing N N 194 
LYS CA  C    sing N N 195 
LYS CA  CB   sing N N 196 
LYS CA  HA   sing N N 197 
LYS C   O    doub N N 198 
LYS C   OXT  sing N N 199 
LYS CB  CG   sing N N 200 
LYS CB  HB2  sing N N 201 
LYS CB  HB3  sing N N 202 
LYS CG  CD   sing N N 203 
LYS CG  HG2  sing N N 204 
LYS CG  HG3  sing N N 205 
LYS CD  CE   sing N N 206 
LYS CD  HD2  sing N N 207 
LYS CD  HD3  sing N N 208 
LYS CE  NZ   sing N N 209 
LYS CE  HE2  sing N N 210 
LYS CE  HE3  sing N N 211 
LYS NZ  HZ1  sing N N 212 
LYS NZ  HZ2  sing N N 213 
LYS NZ  HZ3  sing N N 214 
LYS OXT HXT  sing N N 215 
MET N   CA   sing N N 216 
MET N   H    sing N N 217 
MET N   H2   sing N N 218 
MET CA  C    sing N N 219 
MET CA  CB   sing N N 220 
MET CA  HA   sing N N 221 
MET C   O    doub N N 222 
MET C   OXT  sing N N 223 
MET CB  CG   sing N N 224 
MET CB  HB2  sing N N 225 
MET CB  HB3  sing N N 226 
MET CG  SD   sing N N 227 
MET CG  HG2  sing N N 228 
MET CG  HG3  sing N N 229 
MET SD  CE   sing N N 230 
MET CE  HE1  sing N N 231 
MET CE  HE2  sing N N 232 
MET CE  HE3  sing N N 233 
MET OXT HXT  sing N N 234 
PHE N   CA   sing N N 235 
PHE N   H    sing N N 236 
PHE N   H2   sing N N 237 
PHE CA  C    sing N N 238 
PHE CA  CB   sing N N 239 
PHE CA  HA   sing N N 240 
PHE C   O    doub N N 241 
PHE C   OXT  sing N N 242 
PHE CB  CG   sing N N 243 
PHE CB  HB2  sing N N 244 
PHE CB  HB3  sing N N 245 
PHE CG  CD1  doub Y N 246 
PHE CG  CD2  sing Y N 247 
PHE CD1 CE1  sing Y N 248 
PHE CD1 HD1  sing N N 249 
PHE CD2 CE2  doub Y N 250 
PHE CD2 HD2  sing N N 251 
PHE CE1 CZ   doub Y N 252 
PHE CE1 HE1  sing N N 253 
PHE CE2 CZ   sing Y N 254 
PHE CE2 HE2  sing N N 255 
PHE CZ  HZ   sing N N 256 
PHE OXT HXT  sing N N 257 
PRO N   CA   sing N N 258 
PRO N   CD   sing N N 259 
PRO N   H    sing N N 260 
PRO CA  C    sing N N 261 
PRO CA  CB   sing N N 262 
PRO CA  HA   sing N N 263 
PRO C   O    doub N N 264 
PRO C   OXT  sing N N 265 
PRO CB  CG   sing N N 266 
PRO CB  HB2  sing N N 267 
PRO CB  HB3  sing N N 268 
PRO CG  CD   sing N N 269 
PRO CG  HG2  sing N N 270 
PRO CG  HG3  sing N N 271 
PRO CD  HD2  sing N N 272 
PRO CD  HD3  sing N N 273 
PRO OXT HXT  sing N N 274 
SER N   CA   sing N N 275 
SER N   H    sing N N 276 
SER N   H2   sing N N 277 
SER CA  C    sing N N 278 
SER CA  CB   sing N N 279 
SER CA  HA   sing N N 280 
SER C   O    doub N N 281 
SER C   OXT  sing N N 282 
SER CB  OG   sing N N 283 
SER CB  HB2  sing N N 284 
SER CB  HB3  sing N N 285 
SER OG  HG   sing N N 286 
SER OXT HXT  sing N N 287 
THR N   CA   sing N N 288 
THR N   H    sing N N 289 
THR N   H2   sing N N 290 
THR CA  C    sing N N 291 
THR CA  CB   sing N N 292 
THR CA  HA   sing N N 293 
THR C   O    doub N N 294 
THR C   OXT  sing N N 295 
THR CB  OG1  sing N N 296 
THR CB  CG2  sing N N 297 
THR CB  HB   sing N N 298 
THR OG1 HG1  sing N N 299 
THR CG2 HG21 sing N N 300 
THR CG2 HG22 sing N N 301 
THR CG2 HG23 sing N N 302 
THR OXT HXT  sing N N 303 
TRP N   CA   sing N N 304 
TRP N   H    sing N N 305 
TRP N   H2   sing N N 306 
TRP CA  C    sing N N 307 
TRP CA  CB   sing N N 308 
TRP CA  HA   sing N N 309 
TRP C   O    doub N N 310 
TRP C   OXT  sing N N 311 
TRP CB  CG   sing N N 312 
TRP CB  HB2  sing N N 313 
TRP CB  HB3  sing N N 314 
TRP CG  CD1  doub Y N 315 
TRP CG  CD2  sing Y N 316 
TRP CD1 NE1  sing Y N 317 
TRP CD1 HD1  sing N N 318 
TRP CD2 CE2  doub Y N 319 
TRP CD2 CE3  sing Y N 320 
TRP NE1 CE2  sing Y N 321 
TRP NE1 HE1  sing N N 322 
TRP CE2 CZ2  sing Y N 323 
TRP CE3 CZ3  doub Y N 324 
TRP CE3 HE3  sing N N 325 
TRP CZ2 CH2  doub Y N 326 
TRP CZ2 HZ2  sing N N 327 
TRP CZ3 CH2  sing Y N 328 
TRP CZ3 HZ3  sing N N 329 
TRP CH2 HH2  sing N N 330 
TRP OXT HXT  sing N N 331 
TYR N   CA   sing N N 332 
TYR N   H    sing N N 333 
TYR N   H2   sing N N 334 
TYR CA  C    sing N N 335 
TYR CA  CB   sing N N 336 
TYR CA  HA   sing N N 337 
TYR C   O    doub N N 338 
TYR C   OXT  sing N N 339 
TYR CB  CG   sing N N 340 
TYR CB  HB2  sing N N 341 
TYR CB  HB3  sing N N 342 
TYR CG  CD1  doub Y N 343 
TYR CG  CD2  sing Y N 344 
TYR CD1 CE1  sing Y N 345 
TYR CD1 HD1  sing N N 346 
TYR CD2 CE2  doub Y N 347 
TYR CD2 HD2  sing N N 348 
TYR CE1 CZ   doub Y N 349 
TYR CE1 HE1  sing N N 350 
TYR CE2 CZ   sing Y N 351 
TYR CE2 HE2  sing N N 352 
TYR CZ  OH   sing N N 353 
TYR OH  HH   sing N N 354 
TYR OXT HXT  sing N N 355 
VAL N   CA   sing N N 356 
VAL N   H    sing N N 357 
VAL N   H2   sing N N 358 
VAL CA  C    sing N N 359 
VAL CA  CB   sing N N 360 
VAL CA  HA   sing N N 361 
VAL C   O    doub N N 362 
VAL C   OXT  sing N N 363 
VAL CB  CG1  sing N N 364 
VAL CB  CG2  sing N N 365 
VAL CB  HB   sing N N 366 
VAL CG1 HG11 sing N N 367 
VAL CG1 HG12 sing N N 368 
VAL CG1 HG13 sing N N 369 
VAL CG2 HG21 sing N N 370 
VAL CG2 HG22 sing N N 371 
VAL CG2 HG23 sing N N 372 
VAL OXT HXT  sing N N 373 
# 
_atom_sites.entry_id                    1LFB 
_atom_sites.fract_transf_matrix[1][1]   -0.00931242 
_atom_sites.fract_transf_matrix[1][2]   0.00623094 
_atom_sites.fract_transf_matrix[1][3]   0.00880455 
_atom_sites.fract_transf_matrix[2][1]   0.00401998 
_atom_sites.fract_transf_matrix[2][2]   0.01117548 
_atom_sites.fract_transf_matrix[2][3]   0.00787470 
_atom_sites.fract_transf_matrix[3][1]   -0.00329305 
_atom_sites.fract_transf_matrix[3][2]   0.00725837 
_atom_sites.fract_transf_matrix[3][3]   -0.00861972 
_atom_sites.fract_transf_vector[1]      0.359743 
_atom_sites.fract_transf_vector[2]      0.476859 
_atom_sites.fract_transf_vector[3]      0.278320 
# 
loop_
_atom_type.symbol 
C 
N 
O 
S 
# 
loop_
_atom_site.group_PDB 
_atom_site.id 
_atom_site.type_symbol 
_atom_site.label_atom_id 
_atom_site.label_alt_id 
_atom_site.label_comp_id 
_atom_site.label_asym_id 
_atom_site.label_entity_id 
_atom_site.label_seq_id 
_atom_site.pdbx_PDB_ins_code 
_atom_site.Cartn_x 
_atom_site.Cartn_y 
_atom_site.Cartn_z 
_atom_site.occupancy 
_atom_site.B_iso_or_equiv 
_atom_site.pdbx_formal_charge 
_atom_site.auth_seq_id 
_atom_site.auth_comp_id 
_atom_site.auth_asym_id 
_atom_site.auth_atom_id 
_atom_site.pdbx_PDB_model_num 
ATOM 1   N N   . ARG A 1 13 ? -3.871  -13.111 -8.515  1.00 40.74 ? 13 ARG A N   1 
ATOM 2   C CA  . ARG A 1 13 ? -3.082  -12.058 -9.119  1.00 39.36 ? 13 ARG A CA  1 
ATOM 3   C C   . ARG A 1 13 ? -3.370  -10.875 -8.205  1.00 39.02 ? 13 ARG A C   1 
ATOM 4   O O   . ARG A 1 13 ? -4.272  -11.030 -7.379  1.00 40.86 ? 13 ARG A O   1 
ATOM 5   C CB  . ARG A 1 13 ? -3.587  -11.820 -10.545 1.00 40.59 ? 13 ARG A CB  1 
ATOM 6   C CG  . ARG A 1 13 ? -5.067  -11.469 -10.661 1.00 41.36 ? 13 ARG A CG  1 
ATOM 7   C CD  . ARG A 1 13 ? -5.515  -11.395 -12.112 1.00 43.97 ? 13 ARG A CD  1 
ATOM 8   N NE  . ARG A 1 13 ? -6.834  -10.788 -12.146 1.00 45.48 ? 13 ARG A NE  1 
ATOM 9   C CZ  . ARG A 1 13 ? -7.972  -11.491 -12.079 1.00 45.66 ? 13 ARG A CZ  1 
ATOM 10  N NH1 . ARG A 1 13 ? -7.994  -12.833 -11.993 1.00 44.66 ? 13 ARG A NH1 1 
ATOM 11  N NH2 . ARG A 1 13 ? -9.124  -10.809 -12.027 1.00 43.83 ? 13 ARG A NH2 1 
ATOM 12  N N   . PHE A 1 14 ? -2.664  -9.768  -8.393  1.00 37.59 ? 14 PHE A N   1 
ATOM 13  C CA  . PHE A 1 14 ? -2.759  -8.480  -7.695  1.00 36.24 ? 14 PHE A CA  1 
ATOM 14  C C   . PHE A 1 14 ? -1.292  -8.238  -7.410  1.00 35.68 ? 14 PHE A C   1 
ATOM 15  O O   . PHE A 1 14 ? -0.672  -9.118  -6.800  1.00 33.57 ? 14 PHE A O   1 
ATOM 16  C CB  . PHE A 1 14 ? -3.474  -8.446  -6.293  1.00 35.58 ? 14 PHE A CB  1 
ATOM 17  C CG  . PHE A 1 14 ? -3.260  -7.148  -5.489  1.00 37.22 ? 14 PHE A CG  1 
ATOM 18  C CD1 . PHE A 1 14 ? -4.118  -6.078  -5.665  1.00 37.29 ? 14 PHE A CD1 1 
ATOM 19  C CD2 . PHE A 1 14 ? -2.186  -7.006  -4.611  1.00 35.96 ? 14 PHE A CD2 1 
ATOM 20  C CE1 . PHE A 1 14 ? -3.902  -4.896  -4.988  1.00 36.93 ? 14 PHE A CE1 1 
ATOM 21  C CE2 . PHE A 1 14 ? -1.978  -5.822  -3.937  1.00 34.99 ? 14 PHE A CE2 1 
ATOM 22  C CZ  . PHE A 1 14 ? -2.837  -4.764  -4.129  1.00 36.08 ? 14 PHE A CZ  1 
ATOM 23  N N   . LYS A 1 15 ? -0.661  -7.165  -7.862  1.00 35.45 ? 15 LYS A N   1 
ATOM 24  C CA  . LYS A 1 15 ? 0.666   -6.957  -7.355  1.00 34.39 ? 15 LYS A CA  1 
ATOM 25  C C   . LYS A 1 15 ? 0.855   -5.510  -7.012  1.00 31.80 ? 15 LYS A C   1 
ATOM 26  O O   . LYS A 1 15 ? 0.108   -4.631  -7.442  1.00 30.68 ? 15 LYS A O   1 
ATOM 27  C CB  . LYS A 1 15 ? 1.717   -7.417  -8.365  1.00 37.62 ? 15 LYS A CB  1 
ATOM 28  C CG  . LYS A 1 15 ? 3.003   -7.965  -7.679  1.00 41.86 ? 15 LYS A CG  1 
ATOM 29  C CD  . LYS A 1 15 ? 2.737   -9.069  -6.612  1.00 44.38 ? 15 LYS A CD  1 
ATOM 30  C CE  . LYS A 1 15 ? 2.905   -8.558  -5.164  1.00 43.52 ? 15 LYS A CE  1 
ATOM 31  N NZ  . LYS A 1 15 ? 2.185   -9.391  -4.218  1.00 43.16 ? 15 LYS A NZ  1 
ATOM 32  N N   . TRP A 1 16 ? 1.795   -5.361  -6.077  1.00 29.49 ? 16 TRP A N   1 
ATOM 33  C CA  . TRP A 1 16 ? 2.228   -4.081  -5.576  1.00 25.84 ? 16 TRP A CA  1 
ATOM 34  C C   . TRP A 1 16 ? 3.079   -3.536  -6.678  1.00 23.76 ? 16 TRP A C   1 
ATOM 35  O O   . TRP A 1 16 ? 3.851   -4.244  -7.325  1.00 21.12 ? 16 TRP A O   1 
ATOM 36  C CB  . TRP A 1 16 ? 3.107   -4.165  -4.308  1.00 24.98 ? 16 TRP A CB  1 
ATOM 37  C CG  . TRP A 1 16 ? 2.324   -4.557  -3.070  1.00 22.00 ? 16 TRP A CG  1 
ATOM 38  C CD1 . TRP A 1 16 ? 2.523   -5.787  -2.544  1.00 19.25 ? 16 TRP A CD1 1 
ATOM 39  C CD2 . TRP A 1 16 ? 1.355   -3.825  -2.411  1.00 19.91 ? 16 TRP A CD2 1 
ATOM 40  N NE1 . TRP A 1 16 ? 1.670   -5.839  -1.566  1.00 18.72 ? 16 TRP A NE1 1 
ATOM 41  C CE2 . TRP A 1 16 ? 0.963   -4.712  -1.440  1.00 18.71 ? 16 TRP A CE2 1 
ATOM 42  C CE3 . TRP A 1 16 ? 0.738   -2.589  -2.470  1.00 17.21 ? 16 TRP A CE3 1 
ATOM 43  C CZ2 . TRP A 1 16 ? -0.038  -4.390  -0.536  1.00 17.86 ? 16 TRP A CZ2 1 
ATOM 44  C CZ3 . TRP A 1 16 ? -0.255  -2.257  -1.563  1.00 15.28 ? 16 TRP A CZ3 1 
ATOM 45  C CH2 . TRP A 1 16 ? -0.652  -3.152  -0.595  1.00 14.63 ? 16 TRP A CH2 1 
ATOM 46  N N   . GLY A 1 17 ? 2.860   -2.258  -6.872  1.00 23.43 ? 17 GLY A N   1 
ATOM 47  C CA  . GLY A 1 17 ? 3.634   -1.593  -7.868  1.00 24.37 ? 17 GLY A CA  1 
ATOM 48  C C   . GLY A 1 17 ? 4.770   -0.980  -7.092  1.00 24.53 ? 17 GLY A C   1 
ATOM 49  O O   . GLY A 1 17 ? 4.561   -0.563  -5.943  1.00 22.98 ? 17 GLY A O   1 
ATOM 50  N N   . PRO A 1 18 ? 5.951   -0.830  -7.694  1.00 24.80 ? 18 PRO A N   1 
ATOM 51  C CA  . PRO A 1 18 ? 7.040   -0.018  -7.163  1.00 25.03 ? 18 PRO A CA  1 
ATOM 52  C C   . PRO A 1 18 ? 6.590   1.369   -6.734  1.00 25.46 ? 18 PRO A C   1 
ATOM 53  O O   . PRO A 1 18 ? 7.131   1.930   -5.779  1.00 28.82 ? 18 PRO A O   1 
ATOM 54  C CB  . PRO A 1 18 ? 8.065   -0.015  -8.270  1.00 24.01 ? 18 PRO A CB  1 
ATOM 55  C CG  . PRO A 1 18 ? 7.320   -0.504  -9.496  1.00 24.12 ? 18 PRO A CG  1 
ATOM 56  C CD  . PRO A 1 18 ? 6.354   -1.517  -8.915  1.00 23.90 ? 18 PRO A CD  1 
ATOM 57  N N   . ALA A 1 19 ? 5.570   1.915   -7.399  1.00 24.84 ? 19 ALA A N   1 
ATOM 58  C CA  . ALA A 1 19 ? 4.972   3.176   -7.002  1.00 24.23 ? 19 ALA A CA  1 
ATOM 59  C C   . ALA A 1 19 ? 4.289   3.022   -5.647  1.00 23.25 ? 19 ALA A C   1 
ATOM 60  O O   . ALA A 1 19 ? 4.577   3.803   -4.735  1.00 21.70 ? 19 ALA A O   1 
ATOM 61  C CB  . ALA A 1 19 ? 3.948   3.603   -8.020  1.00 24.14 ? 19 ALA A CB  1 
ATOM 62  N N   . SER A 1 20 ? 3.455   1.996   -5.436  1.00 23.92 ? 20 SER A N   1 
ATOM 63  C CA  . SER A 1 20 ? 2.844   1.820   -4.122  1.00 24.46 ? 20 SER A CA  1 
ATOM 64  C C   . SER A 1 20 ? 3.872   1.389   -3.086  1.00 23.72 ? 20 SER A C   1 
ATOM 65  O O   . SER A 1 20 ? 3.761   1.769   -1.915  1.00 25.29 ? 20 SER A O   1 
ATOM 66  C CB  . SER A 1 20 ? 1.687   0.784   -4.176  1.00 22.73 ? 20 SER A CB  1 
ATOM 67  O OG  . SER A 1 20 ? 1.620   -0.020  -5.367  1.00 26.48 ? 20 SER A OG  1 
ATOM 68  N N   . GLN A 1 21 ? 4.935   0.677   -3.466  1.00 22.16 ? 21 GLN A N   1 
ATOM 69  C CA  . GLN A 1 21 ? 5.869   0.243   -2.460  1.00 21.28 ? 21 GLN A CA  1 
ATOM 70  C C   . GLN A 1 21 ? 6.684   1.353   -1.898  1.00 21.40 ? 21 GLN A C   1 
ATOM 71  O O   . GLN A 1 21 ? 6.872   1.317   -0.683  1.00 21.86 ? 21 GLN A O   1 
ATOM 72  C CB  . GLN A 1 21 ? 6.834   -0.779  -2.956  1.00 22.87 ? 21 GLN A CB  1 
ATOM 73  C CG  . GLN A 1 21 ? 6.193   -2.147  -2.835  1.00 25.85 ? 21 GLN A CG  1 
ATOM 74  C CD  . GLN A 1 21 ? 7.180   -3.179  -3.320  1.00 29.14 ? 21 GLN A CD  1 
ATOM 75  O OE1 . GLN A 1 21 ? 7.515   -3.192  -4.507  1.00 30.80 ? 21 GLN A OE1 1 
ATOM 76  N NE2 . GLN A 1 21 ? 7.729   -4.017  -2.434  1.00 32.83 ? 21 GLN A NE2 1 
ATOM 77  N N   . GLN A 1 22 ? 7.152   2.354   -2.649  1.00 21.81 ? 22 GLN A N   1 
ATOM 78  C CA  . GLN A 1 22 ? 7.910   3.396   -1.975  1.00 21.14 ? 22 GLN A CA  1 
ATOM 79  C C   . GLN A 1 22 ? 7.002   4.226   -1.093  1.00 19.84 ? 22 GLN A C   1 
ATOM 80  O O   . GLN A 1 22 ? 7.513   4.772   -0.112  1.00 19.44 ? 22 GLN A O   1 
ATOM 81  C CB  . GLN A 1 22 ? 8.630   4.350   -2.937  1.00 22.81 ? 22 GLN A CB  1 
ATOM 82  C CG  . GLN A 1 22 ? 7.903   5.197   -3.971  1.00 28.43 ? 22 GLN A CG  1 
ATOM 83  C CD  . GLN A 1 22 ? 8.843   6.284   -4.464  1.00 29.21 ? 22 GLN A CD  1 
ATOM 84  O OE1 . GLN A 1 22 ? 9.169   7.208   -3.722  1.00 31.99 ? 22 GLN A OE1 1 
ATOM 85  N NE2 . GLN A 1 22 ? 9.371   6.233   -5.677  1.00 29.34 ? 22 GLN A NE2 1 
ATOM 86  N N   . ILE A 1 23 ? 5.680   4.290   -1.371  1.00 18.17 ? 23 ILE A N   1 
ATOM 87  C CA  . ILE A 1 23 ? 4.744   4.998   -0.492  1.00 17.39 ? 23 ILE A CA  1 
ATOM 88  C C   . ILE A 1 23 ? 4.759   4.275   0.847   1.00 18.52 ? 23 ILE A C   1 
ATOM 89  O O   . ILE A 1 23 ? 4.977   4.883   1.898   1.00 19.25 ? 23 ILE A O   1 
ATOM 90  C CB  . ILE A 1 23 ? 3.261   5.020   -1.075  1.00 14.00 ? 23 ILE A CB  1 
ATOM 91  C CG1 . ILE A 1 23 ? 3.055   6.319   -1.837  1.00 9.97  ? 23 ILE A CG1 1 
ATOM 92  C CG2 . ILE A 1 23 ? 2.181   4.904   0.018   1.00 11.46 ? 23 ILE A CG2 1 
ATOM 93  C CD1 . ILE A 1 23 ? 3.312   6.175   -3.338  1.00 9.31  ? 23 ILE A CD1 1 
ATOM 94  N N   . LEU A 1 24 ? 4.584   2.953   0.728   1.00 19.06 ? 24 LEU A N   1 
ATOM 95  C CA  . LEU A 1 24 ? 4.460   2.052   1.852   1.00 18.03 ? 24 LEU A CA  1 
ATOM 96  C C   . LEU A 1 24 ? 5.743   1.939   2.672   1.00 19.08 ? 24 LEU A C   1 
ATOM 97  O O   . LEU A 1 24 ? 5.650   2.151   3.888   1.00 20.38 ? 24 LEU A O   1 
ATOM 98  C CB  . LEU A 1 24 ? 3.979   0.722   1.268   1.00 14.28 ? 24 LEU A CB  1 
ATOM 99  C CG  . LEU A 1 24 ? 2.647   0.125   1.743   1.00 11.41 ? 24 LEU A CG  1 
ATOM 100 C CD1 . LEU A 1 24 ? 1.558   1.138   1.937   1.00 9.84  ? 24 LEU A CD1 1 
ATOM 101 C CD2 . LEU A 1 24 ? 2.199   -0.824  0.688   1.00 12.95 ? 24 LEU A CD2 1 
ATOM 102 N N   . PHE A 1 25 ? 6.938   1.691   2.120   1.00 17.07 ? 25 PHE A N   1 
ATOM 103 C CA  . PHE A 1 25 ? 8.162   1.702   2.900   1.00 17.66 ? 25 PHE A CA  1 
ATOM 104 C C   . PHE A 1 25 ? 8.415   3.058   3.567   1.00 19.97 ? 25 PHE A C   1 
ATOM 105 O O   . PHE A 1 25 ? 8.669   3.090   4.778   1.00 23.16 ? 25 PHE A O   1 
ATOM 106 C CB  . PHE A 1 25 ? 9.322   1.331   2.003   1.00 15.25 ? 25 PHE A CB  1 
ATOM 107 C CG  . PHE A 1 25 ? 9.377   -0.160  1.684   1.00 16.04 ? 25 PHE A CG  1 
ATOM 108 C CD1 . PHE A 1 25 ? 9.748   -1.062  2.638   1.00 16.90 ? 25 PHE A CD1 1 
ATOM 109 C CD2 . PHE A 1 25 ? 9.112   -0.617  0.424   1.00 17.75 ? 25 PHE A CD2 1 
ATOM 110 C CE1 . PHE A 1 25 ? 9.843   -2.399  2.323   1.00 19.42 ? 25 PHE A CE1 1 
ATOM 111 C CE2 . PHE A 1 25 ? 9.210   -1.960  0.120   1.00 16.80 ? 25 PHE A CE2 1 
ATOM 112 C CZ  . PHE A 1 25 ? 9.577   -2.865  1.060   1.00 17.21 ? 25 PHE A CZ  1 
ATOM 113 N N   . GLN A 1 26 ? 8.260   4.194   2.875   1.00 21.93 ? 26 GLN A N   1 
ATOM 114 C CA  . GLN A 1 26 ? 8.354   5.551   3.453   1.00 23.28 ? 26 GLN A CA  1 
ATOM 115 C C   . GLN A 1 26 ? 7.606   5.677   4.792   1.00 23.13 ? 26 GLN A C   1 
ATOM 116 O O   . GLN A 1 26 ? 8.037   6.344   5.735   1.00 23.47 ? 26 GLN A O   1 
ATOM 117 C CB  . GLN A 1 26 ? 7.751   6.534   2.417   1.00 26.34 ? 26 GLN A CB  1 
ATOM 118 C CG  . GLN A 1 26 ? 7.894   8.065   2.462   1.00 28.22 ? 26 GLN A CG  1 
ATOM 119 C CD  . GLN A 1 26 ? 8.820   8.657   1.377   1.00 30.82 ? 26 GLN A CD  1 
ATOM 120 O OE1 . GLN A 1 26 ? 9.775   9.400   1.671   1.00 28.92 ? 26 GLN A OE1 1 
ATOM 121 N NE2 . GLN A 1 26 ? 8.594   8.385   0.087   1.00 28.04 ? 26 GLN A NE2 1 
ATOM 122 N N   . ALA A 1 27 ? 6.463   4.987   4.868   1.00 22.32 ? 27 ALA A N   1 
ATOM 123 C CA  . ALA A 1 27 ? 5.554   5.031   5.998   1.00 20.35 ? 27 ALA A CA  1 
ATOM 124 C C   . ALA A 1 27 ? 5.990   4.199   7.180   1.00 21.33 ? 27 ALA A C   1 
ATOM 125 O O   . ALA A 1 27 ? 6.042   4.710   8.295   1.00 21.42 ? 27 ALA A O   1 
ATOM 126 C CB  . ALA A 1 27 ? 4.180   4.549   5.568   1.00 17.97 ? 27 ALA A CB  1 
ATOM 127 N N   . TYR A 1 28 ? 6.368   2.943   6.949   1.00 23.87 ? 28 TYR A N   1 
ATOM 128 C CA  . TYR A 1 28 ? 6.762   1.989   7.979   1.00 25.52 ? 28 TYR A CA  1 
ATOM 129 C C   . TYR A 1 28 ? 7.840   2.532   8.895   1.00 27.58 ? 28 TYR A C   1 
ATOM 130 O O   . TYR A 1 28 ? 7.836   2.246   10.091  1.00 30.72 ? 28 TYR A O   1 
ATOM 131 C CB  . TYR A 1 28 ? 7.245   0.734   7.293   1.00 26.91 ? 28 TYR A CB  1 
ATOM 132 C CG  . TYR A 1 28 ? 7.743   -0.454  8.116   1.00 28.86 ? 28 TYR A CG  1 
ATOM 133 C CD1 . TYR A 1 28 ? 9.070   -0.516  8.481   1.00 29.46 ? 28 TYR A CD1 1 
ATOM 134 C CD2 . TYR A 1 28 ? 6.904   -1.516  8.413   1.00 30.26 ? 28 TYR A CD2 1 
ATOM 135 C CE1 . TYR A 1 28 ? 9.562   -1.632  9.118   1.00 30.17 ? 28 TYR A CE1 1 
ATOM 136 C CE2 . TYR A 1 28 ? 7.392   -2.639  9.049   1.00 29.15 ? 28 TYR A CE2 1 
ATOM 137 C CZ  . TYR A 1 28 ? 8.725   -2.683  9.388   1.00 30.13 ? 28 TYR A CZ  1 
ATOM 138 O OH  . TYR A 1 28 ? 9.275   -3.800  9.975   1.00 32.09 ? 28 TYR A OH  1 
ATOM 139 N N   . GLU A 1 29 ? 8.771   3.331   8.389   1.00 26.71 ? 29 GLU A N   1 
ATOM 140 C CA  . GLU A 1 29 ? 9.828   3.860   9.222   1.00 23.49 ? 29 GLU A CA  1 
ATOM 141 C C   . GLU A 1 29 ? 9.523   5.134   10.003  1.00 22.66 ? 29 GLU A C   1 
ATOM 142 O O   . GLU A 1 29 ? 10.392  5.856   10.490  1.00 23.46 ? 29 GLU A O   1 
ATOM 143 C CB  . GLU A 1 29 ? 11.037  4.054   8.351   1.00 26.49 ? 29 GLU A CB  1 
ATOM 144 C CG  . GLU A 1 29 ? 10.960  4.883   7.077   1.00 26.31 ? 29 GLU A CG  1 
ATOM 145 C CD  . GLU A 1 29 ? 12.357  4.994   6.504   1.00 28.74 ? 29 GLU A CD  1 
ATOM 146 O OE1 . GLU A 1 29 ? 12.838  4.008   5.940   1.00 29.75 ? 29 GLU A OE1 1 
ATOM 147 O OE2 . GLU A 1 29 ? 12.980  6.044   6.672   1.00 31.08 ? 29 GLU A OE2 1 
ATOM 148 N N   . ARG A 1 30 ? 8.269   5.505   10.060  1.00 22.33 ? 30 ARG A N   1 
ATOM 149 C CA  . ARG A 1 30 ? 7.840   6.558   10.943  1.00 24.32 ? 30 ARG A CA  1 
ATOM 150 C C   . ARG A 1 30 ? 6.934   5.787   11.865  1.00 25.97 ? 30 ARG A C   1 
ATOM 151 O O   . ARG A 1 30 ? 6.880   6.072   13.066  1.00 29.45 ? 30 ARG A O   1 
ATOM 152 C CB  . ARG A 1 30 ? 7.023   7.633   10.238  1.00 26.79 ? 30 ARG A CB  1 
ATOM 153 C CG  . ARG A 1 30 ? 7.704   9.007   10.255  1.00 31.22 ? 30 ARG A CG  1 
ATOM 154 C CD  . ARG A 1 30 ? 8.934   9.049   9.334   1.00 36.87 ? 30 ARG A CD  1 
ATOM 155 N NE  . ARG A 1 30 ? 9.983   9.982   9.753   1.00 41.15 ? 30 ARG A NE  1 
ATOM 156 C CZ  . ARG A 1 30 ? 10.750  9.762   10.834  1.00 42.85 ? 30 ARG A CZ  1 
ATOM 157 N NH1 . ARG A 1 30 ? 10.589  8.677   11.610  1.00 44.98 ? 30 ARG A NH1 1 
ATOM 158 N NH2 . ARG A 1 30 ? 11.757  10.594  11.110  1.00 40.44 ? 30 ARG A NH2 1 
ATOM 159 N N   . GLN A 1 31 ? 6.223   4.777   11.329  1.00 25.93 ? 31 GLN A N   1 
ATOM 160 C CA  . GLN A 1 31 ? 5.305   3.972   12.107  1.00 25.12 ? 31 GLN A CA  1 
ATOM 161 C C   . GLN A 1 31 ? 5.088   2.579   11.490  1.00 25.77 ? 31 GLN A C   1 
ATOM 162 O O   . GLN A 1 31 ? 4.635   2.458   10.347  1.00 24.82 ? 31 GLN A O   1 
ATOM 163 C CB  . GLN A 1 31 ? 4.064   4.813   12.174  1.00 21.92 ? 31 GLN A CB  1 
ATOM 164 C CG  . GLN A 1 31 ? 3.536   4.832   13.573  1.00 24.76 ? 31 GLN A CG  1 
ATOM 165 C CD  . GLN A 1 31 ? 2.357   3.899   13.649  1.00 28.16 ? 31 GLN A CD  1 
ATOM 166 O OE1 . GLN A 1 31 ? 2.199   3.075   12.757  1.00 31.02 ? 31 GLN A OE1 1 
ATOM 167 N NE2 . GLN A 1 31 ? 1.479   3.937   14.638  1.00 30.63 ? 31 GLN A NE2 1 
ATOM 168 N N   . LYS A 1 32 ? 5.493   1.483   12.160  1.00 26.15 ? 32 LYS A N   1 
ATOM 169 C CA  . LYS A 1 32 ? 5.230   0.140   11.627  1.00 26.44 ? 32 LYS A CA  1 
ATOM 170 C C   . LYS A 1 32 ? 3.922   -0.525  12.057  1.00 24.51 ? 32 LYS A C   1 
ATOM 171 O O   . LYS A 1 32 ? 3.592   -1.639  11.647  1.00 22.23 ? 32 LYS A O   1 
ATOM 172 C CB  . LYS A 1 32 ? 6.419   -0.802  11.951  1.00 29.13 ? 32 LYS A CB  1 
ATOM 173 C CG  . LYS A 1 32 ? 7.236   -0.766  13.248  1.00 31.34 ? 32 LYS A CG  1 
ATOM 174 C CD  . LYS A 1 32 ? 8.600   -1.386  12.883  1.00 34.05 ? 32 LYS A CD  1 
ATOM 175 C CE  . LYS A 1 32 ? 9.609   -1.674  14.005  1.00 34.84 ? 32 LYS A CE  1 
ATOM 176 N NZ  . LYS A 1 32 ? 9.376   -2.966  14.634  1.00 34.33 ? 32 LYS A NZ  1 
ATOM 177 N N   . ASN A 1 33 ? 3.090   0.214   12.789  1.00 23.52 ? 33 ASN A N   1 
ATOM 178 C CA  . ASN A 1 33 ? 1.837   -0.285  13.328  1.00 24.86 ? 33 ASN A CA  1 
ATOM 179 C C   . ASN A 1 33 ? 0.747   0.724   12.979  1.00 24.85 ? 33 ASN A C   1 
ATOM 180 O O   . ASN A 1 33 ? 0.217   1.412   13.870  1.00 26.89 ? 33 ASN A O   1 
ATOM 181 C CB  . ASN A 1 33 ? 1.910   -0.414  14.861  1.00 28.91 ? 33 ASN A CB  1 
ATOM 182 C CG  . ASN A 1 33 ? 2.590   -1.656  15.412  1.00 31.15 ? 33 ASN A CG  1 
ATOM 183 O OD1 . ASN A 1 33 ? 3.727   -1.617  15.892  1.00 31.47 ? 33 ASN A OD1 1 
ATOM 184 N ND2 . ASN A 1 33 ? 1.905   -2.794  15.388  1.00 30.48 ? 33 ASN A ND2 1 
ATOM 185 N N   . PRO A 1 34 ? 0.424   0.972   11.714  1.00 23.54 ? 34 PRO A N   1 
ATOM 186 C CA  . PRO A 1 34 ? -0.476  2.040   11.341  1.00 21.07 ? 34 PRO A CA  1 
ATOM 187 C C   . PRO A 1 34 ? -1.846  1.767   11.944  1.00 20.85 ? 34 PRO A C   1 
ATOM 188 O O   . PRO A 1 34 ? -2.285  0.618   12.055  1.00 19.87 ? 34 PRO A O   1 
ATOM 189 C CB  . PRO A 1 34 ? -0.399  2.015   9.838   1.00 23.76 ? 34 PRO A CB  1 
ATOM 190 C CG  . PRO A 1 34 ? -0.231  0.558   9.518   1.00 22.95 ? 34 PRO A CG  1 
ATOM 191 C CD  . PRO A 1 34 ? 0.808   0.184   10.555  1.00 25.12 ? 34 PRO A CD  1 
ATOM 192 N N   . SER A 1 35 ? -2.510  2.823   12.387  1.00 21.05 ? 35 SER A N   1 
ATOM 193 C CA  . SER A 1 35 ? -3.817  2.676   12.990  1.00 22.69 ? 35 SER A CA  1 
ATOM 194 C C   . SER A 1 35 ? -4.884  2.415   11.950  1.00 23.09 ? 35 SER A C   1 
ATOM 195 O O   . SER A 1 35 ? -4.588  2.398   10.759  1.00 23.77 ? 35 SER A O   1 
ATOM 196 C CB  . SER A 1 35 ? -4.102  3.936   13.739  1.00 23.46 ? 35 SER A CB  1 
ATOM 197 O OG  . SER A 1 35 ? -3.881  5.026   12.851  1.00 26.81 ? 35 SER A OG  1 
ATOM 198 N N   . LYS A 1 36 ? -6.155  2.364   12.345  1.00 27.09 ? 36 LYS A N   1 
ATOM 199 C CA  . LYS A 1 36 ? -7.287  2.115   11.419  1.00 30.48 ? 36 LYS A CA  1 
ATOM 200 C C   . LYS A 1 36 ? -7.323  3.186   10.312  1.00 29.52 ? 36 LYS A C   1 
ATOM 201 O O   . LYS A 1 36 ? -7.204  2.969   9.100   1.00 28.75 ? 36 LYS A O   1 
ATOM 202 C CB  . LYS A 1 36 ? -8.670  2.151   12.164  1.00 31.64 ? 36 LYS A CB  1 
ATOM 203 C CG  . LYS A 1 36 ? -8.745  1.821   13.691  1.00 34.72 ? 36 LYS A CG  1 
ATOM 204 C CD  . LYS A 1 36 ? -8.207  0.422   14.112  1.00 35.48 ? 36 LYS A CD  1 
ATOM 205 C CE  . LYS A 1 36 ? -8.971  -0.806  13.553  1.00 35.10 ? 36 LYS A CE  1 
ATOM 206 N NZ  . LYS A 1 36 ? -8.449  -2.084  14.007  1.00 27.63 ? 36 LYS A NZ  1 
ATOM 207 N N   . GLU A 1 37 ? -7.376  4.407   10.832  1.00 28.87 ? 37 GLU A N   1 
ATOM 208 C CA  . GLU A 1 37 ? -7.414  5.608   10.047  1.00 27.12 ? 37 GLU A CA  1 
ATOM 209 C C   . GLU A 1 37 ? -6.124  5.800   9.244   1.00 27.09 ? 37 GLU A C   1 
ATOM 210 O O   . GLU A 1 37 ? -6.206  6.221   8.085   1.00 29.02 ? 37 GLU A O   1 
ATOM 211 C CB  . GLU A 1 37 ? -7.668  6.765   11.015  1.00 29.28 ? 37 GLU A CB  1 
ATOM 212 C CG  . GLU A 1 37 ? -9.049  6.827   11.712  1.00 31.59 ? 37 GLU A CG  1 
ATOM 213 C CD  . GLU A 1 37 ? -9.442  5.754   12.738  1.00 35.45 ? 37 GLU A CD  1 
ATOM 214 O OE1 . GLU A 1 37 ? -8.614  5.402   13.587  1.00 36.91 ? 37 GLU A OE1 1 
ATOM 215 O OE2 . GLU A 1 37 ? -10.586 5.278   12.699  1.00 32.80 ? 37 GLU A OE2 1 
ATOM 216 N N   . GLU A 1 38 ? -4.912  5.526   9.756   1.00 25.52 ? 38 GLU A N   1 
ATOM 217 C CA  . GLU A 1 38 ? -3.713  5.701   8.943   1.00 22.03 ? 38 GLU A CA  1 
ATOM 218 C C   . GLU A 1 38 ? -3.765  4.775   7.770   1.00 19.56 ? 38 GLU A C   1 
ATOM 219 O O   . GLU A 1 38 ? -3.546  5.190   6.647   1.00 18.80 ? 38 GLU A O   1 
ATOM 220 C CB  . GLU A 1 38 ? -2.428  5.359   9.648   1.00 23.20 ? 38 GLU A CB  1 
ATOM 221 C CG  . GLU A 1 38 ? -1.583  6.540   10.086  1.00 27.60 ? 38 GLU A CG  1 
ATOM 222 C CD  . GLU A 1 38 ? -1.751  6.908   11.557  1.00 29.73 ? 38 GLU A CD  1 
ATOM 223 O OE1 . GLU A 1 38 ? -2.793  7.450   11.924  1.00 31.62 ? 38 GLU A OE1 1 
ATOM 224 O OE2 . GLU A 1 38 ? -0.837  6.637   12.336  1.00 28.53 ? 38 GLU A OE2 1 
ATOM 225 N N   . ARG A 1 39 ? -4.150  3.539   8.021   1.00 20.88 ? 39 ARG A N   1 
ATOM 226 C CA  . ARG A 1 39 ? -4.169  2.507   7.001   1.00 22.82 ? 39 ARG A CA  1 
ATOM 227 C C   . ARG A 1 39 ? -4.981  2.991   5.792   1.00 22.03 ? 39 ARG A C   1 
ATOM 228 O O   . ARG A 1 39 ? -4.479  3.028   4.663   1.00 21.13 ? 39 ARG A O   1 
ATOM 229 C CB  . ARG A 1 39 ? -4.756  1.238   7.669   1.00 23.84 ? 39 ARG A CB  1 
ATOM 230 C CG  . ARG A 1 39 ? -3.869  -0.022  7.662   1.00 25.24 ? 39 ARG A CG  1 
ATOM 231 C CD  . ARG A 1 39 ? -3.504  -0.678  9.022   1.00 25.17 ? 39 ARG A CD  1 
ATOM 232 N NE  . ARG A 1 39 ? -4.563  -0.848  10.021  1.00 23.69 ? 39 ARG A NE  1 
ATOM 233 C CZ  . ARG A 1 39 ? -5.717  -1.510  9.835   1.00 25.34 ? 39 ARG A CZ  1 
ATOM 234 N NH1 . ARG A 1 39 ? -6.050  -2.112  8.690   1.00 23.09 ? 39 ARG A NH1 1 
ATOM 235 N NH2 . ARG A 1 39 ? -6.576  -1.578  10.850  1.00 26.60 ? 39 ARG A NH2 1 
ATOM 236 N N   . GLU A 1 40 ? -6.193  3.497   6.052   1.00 22.72 ? 40 GLU A N   1 
ATOM 237 C CA  . GLU A 1 40 ? -7.081  4.043   5.031   1.00 22.12 ? 40 GLU A CA  1 
ATOM 238 C C   . GLU A 1 40 ? -6.487  5.250   4.277   1.00 22.09 ? 40 GLU A C   1 
ATOM 239 O O   . GLU A 1 40 ? -6.809  5.423   3.091   1.00 23.31 ? 40 GLU A O   1 
ATOM 240 C CB  . GLU A 1 40 ? -8.420  4.416   5.700   1.00 23.65 ? 40 GLU A CB  1 
ATOM 241 C CG  . GLU A 1 40 ? -9.241  3.239   6.270   1.00 25.64 ? 40 GLU A CG  1 
ATOM 242 C CD  . GLU A 1 40 ? -10.068 2.390   5.293   1.00 29.67 ? 40 GLU A CD  1 
ATOM 243 O OE1 . GLU A 1 40 ? -9.793  2.356   4.088   1.00 29.92 ? 40 GLU A OE1 1 
ATOM 244 O OE2 . GLU A 1 40 ? -11.020 1.748   5.744   1.00 29.07 ? 40 GLU A OE2 1 
ATOM 245 N N   . THR A 1 41 ? -5.598  6.082   4.863   1.00 20.50 ? 41 THR A N   1 
ATOM 246 C CA  . THR A 1 41 ? -4.872  7.116   4.111   1.00 17.70 ? 41 THR A CA  1 
ATOM 247 C C   . THR A 1 41 ? -3.974  6.363   3.145   1.00 19.86 ? 41 THR A C   1 
ATOM 248 O O   . THR A 1 41 ? -4.071  6.590   1.944   1.00 23.61 ? 41 THR A O   1 
ATOM 249 C CB  . THR A 1 41 ? -3.908  7.981   4.947   1.00 14.10 ? 41 THR A CB  1 
ATOM 250 O OG1 . THR A 1 41 ? -4.703  8.799   5.798   1.00 16.45 ? 41 THR A OG1 1 
ATOM 251 C CG2 . THR A 1 41 ? -2.950  8.787   4.074   1.00 9.90  ? 41 THR A CG2 1 
ATOM 252 N N   . LEU A 1 42 ? -3.117  5.433   3.608   1.00 20.66 ? 42 LEU A N   1 
ATOM 253 C CA  . LEU A 1 42 ? -2.157  4.787   2.729   1.00 17.65 ? 42 LEU A CA  1 
ATOM 254 C C   . LEU A 1 42 ? -2.825  4.075   1.574   1.00 16.91 ? 42 LEU A C   1 
ATOM 255 O O   . LEU A 1 42 ? -2.210  3.894   0.526   1.00 17.91 ? 42 LEU A O   1 
ATOM 256 C CB  . LEU A 1 42 ? -1.288  3.778   3.488   1.00 18.56 ? 42 LEU A CB  1 
ATOM 257 C CG  . LEU A 1 42 ? -0.055  4.163   4.330   1.00 17.40 ? 42 LEU A CG  1 
ATOM 258 C CD1 . LEU A 1 42 ? 0.616   5.366   3.707   1.00 17.19 ? 42 LEU A CD1 1 
ATOM 259 C CD2 . LEU A 1 42 ? -0.447  4.509   5.740   1.00 16.46 ? 42 LEU A CD2 1 
ATOM 260 N N   . VAL A 1 43 ? -4.098  3.721   1.714   1.00 17.02 ? 43 VAL A N   1 
ATOM 261 C CA  . VAL A 1 43 ? -4.818  3.106   0.616   1.00 18.94 ? 43 VAL A CA  1 
ATOM 262 C C   . VAL A 1 43 ? -5.080  4.141   -0.463  1.00 20.61 ? 43 VAL A C   1 
ATOM 263 O O   . VAL A 1 43 ? -4.725  3.886   -1.618  1.00 21.86 ? 43 VAL A O   1 
ATOM 264 C CB  . VAL A 1 43 ? -6.104  2.488   1.183   1.00 17.04 ? 43 VAL A CB  1 
ATOM 265 C CG1 . VAL A 1 43 ? -7.252  2.364   0.199   1.00 16.64 ? 43 VAL A CG1 1 
ATOM 266 C CG2 . VAL A 1 43 ? -5.689  1.084   1.577   1.00 16.78 ? 43 VAL A CG2 1 
ATOM 267 N N   . GLU A 1 44 ? -5.654  5.311   -0.141  1.00 21.16 ? 44 GLU A N   1 
ATOM 268 C CA  . GLU A 1 44 ? -5.848  6.424   -1.076  1.00 19.29 ? 44 GLU A CA  1 
ATOM 269 C C   . GLU A 1 44 ? -4.533  6.643   -1.815  1.00 19.91 ? 44 GLU A C   1 
ATOM 270 O O   . GLU A 1 44 ? -4.399  6.379   -3.018  1.00 22.66 ? 44 GLU A O   1 
ATOM 271 C CB  . GLU A 1 44 ? -6.235  7.671   -0.275  1.00 20.01 ? 44 GLU A CB  1 
ATOM 272 C CG  . GLU A 1 44 ? -6.545  8.986   -0.979  1.00 22.45 ? 44 GLU A CG  1 
ATOM 273 C CD  . GLU A 1 44 ? -5.407  9.698   -1.690  1.00 24.46 ? 44 GLU A CD  1 
ATOM 274 O OE1 . GLU A 1 44 ? -4.529  10.241  -1.025  1.00 24.13 ? 44 GLU A OE1 1 
ATOM 275 O OE2 . GLU A 1 44 ? -5.402  9.704   -2.919  1.00 27.78 ? 44 GLU A OE2 1 
ATOM 276 N N   . GLU A 1 45 ? -3.517  6.992   -1.041  1.00 18.93 ? 45 GLU A N   1 
ATOM 277 C CA  . GLU A 1 45 ? -2.191  7.234   -1.550  1.00 18.10 ? 45 GLU A CA  1 
ATOM 278 C C   . GLU A 1 45 ? -1.561  6.139   -2.392  1.00 17.88 ? 45 GLU A C   1 
ATOM 279 O O   . GLU A 1 45 ? -0.646  6.402   -3.177  1.00 19.50 ? 45 GLU A O   1 
ATOM 280 C CB  . GLU A 1 45 ? -1.299  7.541   -0.371  1.00 18.86 ? 45 GLU A CB  1 
ATOM 281 C CG  . GLU A 1 45 ? -1.593  8.895   0.281   1.00 22.56 ? 45 GLU A CG  1 
ATOM 282 C CD  . GLU A 1 45 ? -1.384  10.163  -0.568  1.00 21.12 ? 45 GLU A CD  1 
ATOM 283 O OE1 . GLU A 1 45 ? -0.819  10.140  -1.665  1.00 20.26 ? 45 GLU A OE1 1 
ATOM 284 O OE2 . GLU A 1 45 ? -1.812  11.208  -0.096  1.00 20.59 ? 45 GLU A OE2 1 
ATOM 285 N N   . CYS A 1 46 ? -2.032  4.911   -2.289  1.00 16.72 ? 46 CYS A N   1 
ATOM 286 C CA  . CYS A 1 46 ? -1.463  3.863   -3.089  1.00 19.55 ? 46 CYS A CA  1 
ATOM 287 C C   . CYS A 1 46 ? -2.210  3.793   -4.401  1.00 19.31 ? 46 CYS A C   1 
ATOM 288 O O   . CYS A 1 46 ? -1.608  3.824   -5.479  1.00 20.80 ? 46 CYS A O   1 
ATOM 289 C CB  . CYS A 1 46 ? -1.526  2.529   -2.309  1.00 21.98 ? 46 CYS A CB  1 
ATOM 290 S SG  . CYS A 1 46 ? -0.256  2.428   -1.005  1.00 25.62 ? 46 CYS A SG  1 
ATOM 291 N N   . ASN A 1 47 ? -3.532  3.804   -4.364  1.00 19.57 ? 47 ASN A N   1 
ATOM 292 C CA  . ASN A 1 47 ? -4.319  3.727   -5.580  1.00 19.44 ? 47 ASN A CA  1 
ATOM 293 C C   . ASN A 1 47 ? -4.024  4.876   -6.529  1.00 21.44 ? 47 ASN A C   1 
ATOM 294 O O   . ASN A 1 47 ? -3.692  4.663   -7.692  1.00 20.97 ? 47 ASN A O   1 
ATOM 295 C CB  . ASN A 1 47 ? -5.773  3.768   -5.261  1.00 19.42 ? 47 ASN A CB  1 
ATOM 296 C CG  . ASN A 1 47 ? -6.246  2.480   -4.653  1.00 21.52 ? 47 ASN A CG  1 
ATOM 297 O OD1 . ASN A 1 47 ? -5.933  1.367   -5.087  1.00 19.74 ? 47 ASN A OD1 1 
ATOM 298 N ND2 . ASN A 1 47 ? -7.040  2.671   -3.608  1.00 24.94 ? 47 ASN A ND2 1 
ATOM 299 N N   . ARG A 1 48 ? -4.086  6.117   -6.031  1.00 22.26 ? 48 ARG A N   1 
ATOM 300 C CA  . ARG A 1 48 ? -3.792  7.321   -6.799  1.00 20.71 ? 48 ARG A CA  1 
ATOM 301 C C   . ARG A 1 48 ? -2.396  7.247   -7.375  1.00 18.77 ? 48 ARG A C   1 
ATOM 302 O O   . ARG A 1 48 ? -2.255  7.241   -8.583  1.00 21.14 ? 48 ARG A O   1 
ATOM 303 C CB  . ARG A 1 48 ? -3.904  8.529   -5.903  1.00 21.18 ? 48 ARG A CB  1 
ATOM 304 C CG  . ARG A 1 48 ? -3.466  9.830   -6.530  1.00 21.74 ? 48 ARG A CG  1 
ATOM 305 C CD  . ARG A 1 48 ? -3.283  10.678  -5.313  1.00 21.59 ? 48 ARG A CD  1 
ATOM 306 N NE  . ARG A 1 48 ? -2.773  12.022  -5.482  1.00 20.04 ? 48 ARG A NE  1 
ATOM 307 C CZ  . ARG A 1 48 ? -1.686  12.361  -6.169  1.00 20.60 ? 48 ARG A CZ  1 
ATOM 308 N NH1 . ARG A 1 48 ? -0.917  11.509  -6.847  1.00 21.18 ? 48 ARG A NH1 1 
ATOM 309 N NH2 . ARG A 1 48 ? -1.252  13.601  -5.995  1.00 21.62 ? 48 ARG A NH2 1 
ATOM 310 N N   . ALA A 1 49 ? -1.344  7.176   -6.593  1.00 18.60 ? 49 ALA A N   1 
ATOM 311 C CA  . ALA A 1 49 ? -0.007  6.967   -7.122  1.00 18.83 ? 49 ALA A CA  1 
ATOM 312 C C   . ALA A 1 49 ? 0.090   5.856   -8.158  1.00 16.57 ? 49 ALA A C   1 
ATOM 313 O O   . ALA A 1 49 ? 0.865   5.936   -9.110  1.00 15.09 ? 49 ALA A O   1 
ATOM 314 C CB  . ALA A 1 49 ? 0.922   6.621   -5.975  1.00 22.77 ? 49 ALA A CB  1 
ATOM 315 N N   . GLU A 1 50 ? -0.700  4.808   -7.999  1.00 16.38 ? 50 GLU A N   1 
ATOM 316 C CA  . GLU A 1 50 ? -0.693  3.769   -8.996  1.00 20.08 ? 50 GLU A CA  1 
ATOM 317 C C   . GLU A 1 50 ? -1.400  4.245   -10.262 1.00 21.36 ? 50 GLU A C   1 
ATOM 318 O O   . GLU A 1 50 ? -0.873  4.017   -11.361 1.00 23.21 ? 50 GLU A O   1 
ATOM 319 C CB  . GLU A 1 50 ? -1.354  2.535   -8.396  1.00 21.82 ? 50 GLU A CB  1 
ATOM 320 C CG  . GLU A 1 50 ? -0.369  1.704   -7.570  1.00 23.11 ? 50 GLU A CG  1 
ATOM 321 C CD  . GLU A 1 50 ? 0.600   0.922   -8.445  1.00 25.47 ? 50 GLU A CD  1 
ATOM 322 O OE1 . GLU A 1 50 ? 0.180   -0.082  -9.025  1.00 26.64 ? 50 GLU A OE1 1 
ATOM 323 O OE2 . GLU A 1 50 ? 1.758   1.321   -8.559  1.00 24.26 ? 50 GLU A OE2 1 
ATOM 324 N N   . CYS A 1 51 ? -2.540  4.964   -10.153 1.00 20.62 ? 51 CYS A N   1 
ATOM 325 C CA  . CYS A 1 51 ? -3.289  5.555   -11.268 1.00 17.49 ? 51 CYS A CA  1 
ATOM 326 C C   . CYS A 1 51 ? -2.385  6.471   -12.062 1.00 15.50 ? 51 CYS A C   1 
ATOM 327 O O   . CYS A 1 51 ? -2.098  6.155   -13.221 1.00 15.73 ? 51 CYS A O   1 
ATOM 328 C CB  . CYS A 1 51 ? -4.473  6.438   -10.846 1.00 17.86 ? 51 CYS A CB  1 
ATOM 329 S SG  . CYS A 1 51 ? -5.969  5.687   -10.149 1.00 22.67 ? 51 CYS A SG  1 
ATOM 330 N N   . ILE A 1 52 ? -1.768  7.481   -11.445 1.00 14.13 ? 52 ILE A N   1 
ATOM 331 C CA  . ILE A 1 52 ? -0.977  8.445   -12.188 1.00 15.74 ? 52 ILE A CA  1 
ATOM 332 C C   . ILE A 1 52 ? 0.267   7.838   -12.822 1.00 18.00 ? 52 ILE A C   1 
ATOM 333 O O   . ILE A 1 52 ? 1.034   8.518   -13.494 1.00 21.15 ? 52 ILE A O   1 
ATOM 334 C CB  . ILE A 1 52 ? -0.547  9.738   -11.321 1.00 13.73 ? 52 ILE A CB  1 
ATOM 335 C CG1 . ILE A 1 52 ? 0.564   9.523   -10.348 1.00 14.58 ? 52 ILE A CG1 1 
ATOM 336 C CG2 . ILE A 1 52 ? -1.749  10.178  -10.504 1.00 12.60 ? 52 ILE A CG2 1 
ATOM 337 C CD1 . ILE A 1 52 ? 0.918   10.860  -9.646  1.00 15.49 ? 52 ILE A CD1 1 
ATOM 338 N N   . GLN A 1 53 ? 0.511   6.545   -12.681 1.00 21.30 ? 53 GLN A N   1 
ATOM 339 C CA  . GLN A 1 53 ? 1.599   5.887   -13.383 1.00 24.63 ? 53 GLN A CA  1 
ATOM 340 C C   . GLN A 1 53 ? 0.982   5.275   -14.627 1.00 26.22 ? 53 GLN A C   1 
ATOM 341 O O   . GLN A 1 53 ? 1.564   5.264   -15.712 1.00 27.97 ? 53 GLN A O   1 
ATOM 342 C CB  . GLN A 1 53 ? 2.199   4.777   -12.534 1.00 24.11 ? 53 GLN A CB  1 
ATOM 343 C CG  . GLN A 1 53 ? 3.103   5.282   -11.431 1.00 24.89 ? 53 GLN A CG  1 
ATOM 344 C CD  . GLN A 1 53 ? 4.476   5.698   -11.931 1.00 27.62 ? 53 GLN A CD  1 
ATOM 345 O OE1 . GLN A 1 53 ? 5.091   5.041   -12.776 1.00 29.89 ? 53 GLN A OE1 1 
ATOM 346 N NE2 . GLN A 1 53 ? 5.010   6.787   -11.403 1.00 27.04 ? 53 GLN A NE2 1 
ATOM 347 N N   . ARG A 1 54 ? -0.247  4.789   -14.495 1.00 27.49 ? 54 ARG A N   1 
ATOM 348 C CA  . ARG A 1 54 ? -0.940  4.155   -15.590 1.00 29.14 ? 54 ARG A CA  1 
ATOM 349 C C   . ARG A 1 54 ? -1.594  5.158   -16.551 1.00 30.65 ? 54 ARG A C   1 
ATOM 350 O O   . ARG A 1 54 ? -2.357  4.744   -17.432 1.00 33.02 ? 54 ARG A O   1 
ATOM 351 C CB  . ARG A 1 54 ? -1.966  3.186   -14.983 1.00 28.77 ? 54 ARG A CB  1 
ATOM 352 C CG  . ARG A 1 54 ? -1.508  1.753   -15.228 1.00 31.95 ? 54 ARG A CG  1 
ATOM 353 C CD  . ARG A 1 54 ? -2.242  0.702   -14.389 1.00 36.87 ? 54 ARG A CD  1 
ATOM 354 N NE  . ARG A 1 54 ? -3.629  0.499   -14.800 1.00 42.34 ? 54 ARG A NE  1 
ATOM 355 C CZ  . ARG A 1 54 ? -4.137  -0.702  -15.153 1.00 44.27 ? 54 ARG A CZ  1 
ATOM 356 N NH1 . ARG A 1 54 ? -3.418  -1.838  -15.164 1.00 44.17 ? 54 ARG A NH1 1 
ATOM 357 N NH2 . ARG A 1 54 ? -5.420  -0.766  -15.526 1.00 43.60 ? 54 ARG A NH2 1 
ATOM 358 N N   . GLY A 1 55 ? -1.330  6.476   -16.491 1.00 29.02 ? 55 GLY A N   1 
ATOM 359 C CA  . GLY A 1 55 ? -1.980  7.420   -17.386 1.00 27.36 ? 55 GLY A CA  1 
ATOM 360 C C   . GLY A 1 55 ? -3.490  7.273   -17.256 1.00 27.12 ? 55 GLY A C   1 
ATOM 361 O O   . GLY A 1 55 ? -4.270  7.301   -18.215 1.00 30.52 ? 55 GLY A O   1 
ATOM 362 N N   . VAL A 1 56 ? -3.858  7.053   -16.003 1.00 23.59 ? 56 VAL A N   1 
ATOM 363 C CA  . VAL A 1 56 ? -5.221  6.828   -15.603 1.00 23.51 ? 56 VAL A CA  1 
ATOM 364 C C   . VAL A 1 56 ? -5.520  8.017   -14.700 1.00 23.03 ? 56 VAL A C   1 
ATOM 365 O O   . VAL A 1 56 ? -4.619  8.555   -14.051 1.00 23.42 ? 56 VAL A O   1 
ATOM 366 C CB  . VAL A 1 56 ? -5.255  5.452   -14.894 1.00 25.57 ? 56 VAL A CB  1 
ATOM 367 C CG1 . VAL A 1 56 ? -6.497  5.254   -14.022 1.00 28.50 ? 56 VAL A CG1 1 
ATOM 368 C CG2 . VAL A 1 56 ? -5.255  4.386   -15.994 1.00 23.78 ? 56 VAL A CG2 1 
ATOM 369 N N   . SER A 1 57 ? -6.748  8.514   -14.640 1.00 22.83 ? 57 SER A N   1 
ATOM 370 C CA  . SER A 1 57 ? -7.023  9.648   -13.782 1.00 24.16 ? 57 SER A CA  1 
ATOM 371 C C   . SER A 1 57 ? -7.197  9.057   -12.391 1.00 25.28 ? 57 SER A C   1 
ATOM 372 O O   . SER A 1 57 ? -7.844  8.009   -12.264 1.00 27.06 ? 57 SER A O   1 
ATOM 373 C CB  . SER A 1 57 ? -8.305  10.352  -14.219 1.00 23.39 ? 57 SER A CB  1 
ATOM 374 O OG  . SER A 1 57 ? -8.797  11.270  -13.253 1.00 19.05 ? 57 SER A OG  1 
ATOM 375 N N   . PRO A 1 58 ? -6.634  9.676   -11.347 1.00 25.96 ? 58 PRO A N   1 
ATOM 376 C CA  . PRO A 1 58 ? -7.000  9.444   -9.955  1.00 26.37 ? 58 PRO A CA  1 
ATOM 377 C C   . PRO A 1 58 ? -8.489  9.252   -9.674  1.00 28.82 ? 58 PRO A C   1 
ATOM 378 O O   . PRO A 1 58 ? -8.828  8.376   -8.869  1.00 31.16 ? 58 PRO A O   1 
ATOM 379 C CB  . PRO A 1 58 ? -6.413  10.625  -9.246  1.00 24.18 ? 58 PRO A CB  1 
ATOM 380 C CG  . PRO A 1 58 ? -5.117  10.796  -9.983  1.00 23.35 ? 58 PRO A CG  1 
ATOM 381 C CD  . PRO A 1 58 ? -5.488  10.569  -11.440 1.00 23.36 ? 58 PRO A CD  1 
ATOM 382 N N   . SER A 1 59 ? -9.418  9.995   -10.280 1.00 30.30 ? 59 SER A N   1 
ATOM 383 C CA  . SER A 1 59 ? -10.821 9.749   -9.996  1.00 31.40 ? 59 SER A CA  1 
ATOM 384 C C   . SER A 1 59 ? -11.250 8.385   -10.545 1.00 30.35 ? 59 SER A C   1 
ATOM 385 O O   . SER A 1 59 ? -12.116 7.734   -9.960  1.00 29.55 ? 59 SER A O   1 
ATOM 386 C CB  . SER A 1 59 ? -11.647 10.899  -10.596 1.00 33.61 ? 59 SER A CB  1 
ATOM 387 O OG  . SER A 1 59 ? -11.057 11.452  -11.775 1.00 36.47 ? 59 SER A OG  1 
ATOM 388 N N   . GLN A 1 60 ? -10.689 7.839   -11.627 1.00 30.91 ? 60 GLN A N   1 
ATOM 389 C CA  . GLN A 1 60 ? -11.083 6.511   -12.041 1.00 33.22 ? 60 GLN A CA  1 
ATOM 390 C C   . GLN A 1 60 ? -10.043 5.570   -11.454 1.00 34.10 ? 60 GLN A C   1 
ATOM 391 O O   . GLN A 1 60 ? -9.259  4.909   -12.146 1.00 34.27 ? 60 GLN A O   1 
ATOM 392 C CB  . GLN A 1 60 ? -11.140 6.396   -13.575 1.00 35.91 ? 60 GLN A CB  1 
ATOM 393 C CG  . GLN A 1 60 ? -12.587 6.353   -14.127 1.00 40.02 ? 60 GLN A CG  1 
ATOM 394 C CD  . GLN A 1 60 ? -13.211 4.980   -14.495 1.00 40.56 ? 60 GLN A CD  1 
ATOM 395 O OE1 . GLN A 1 60 ? -12.575 4.023   -14.957 1.00 39.37 ? 60 GLN A OE1 1 
ATOM 396 N NE2 . GLN A 1 60 ? -14.516 4.799   -14.333 1.00 40.16 ? 60 GLN A NE2 1 
ATOM 397 N N   . ALA A 1 61 ? -10.100 5.485   -10.121 1.00 33.51 ? 61 ALA A N   1 
ATOM 398 C CA  . ALA A 1 61 ? -9.257  4.593   -9.333  1.00 33.05 ? 61 ALA A CA  1 
ATOM 399 C C   . ALA A 1 61 ? -9.702  3.142   -9.484  1.00 33.59 ? 61 ALA A C   1 
ATOM 400 O O   . ALA A 1 61 ? -8.986  2.201   -9.134  1.00 31.66 ? 61 ALA A O   1 
ATOM 401 C CB  . ALA A 1 61 ? -9.338  4.966   -7.868  1.00 32.98 ? 61 ALA A CB  1 
ATOM 402 N N   . GLN A 1 62 ? -10.923 2.936   -10.009 1.00 33.94 ? 62 GLN A N   1 
ATOM 403 C CA  . GLN A 1 62 ? -11.418 1.611   -10.334 1.00 33.43 ? 62 GLN A CA  1 
ATOM 404 C C   . GLN A 1 62 ? -10.887 1.166   -11.703 1.00 34.18 ? 62 GLN A C   1 
ATOM 405 O O   . GLN A 1 62 ? -11.090 0.014   -12.096 1.00 33.95 ? 62 GLN A O   1 
ATOM 406 C CB  . GLN A 1 62 ? -12.952 1.665   -10.266 1.00 32.70 ? 62 GLN A CB  1 
ATOM 407 C CG  . GLN A 1 62 ? -13.841 0.994   -11.324 1.00 34.60 ? 62 GLN A CG  1 
ATOM 408 C CD  . GLN A 1 62 ? -14.153 1.887   -12.535 1.00 34.46 ? 62 GLN A CD  1 
ATOM 409 O OE1 . GLN A 1 62 ? -15.048 2.746   -12.490 1.00 31.35 ? 62 GLN A OE1 1 
ATOM 410 N NE2 . GLN A 1 62 ? -13.415 1.718   -13.638 1.00 32.91 ? 62 GLN A NE2 1 
ATOM 411 N N   . GLY A 1 63 ? -10.207 2.042   -12.464 1.00 35.08 ? 63 GLY A N   1 
ATOM 412 C CA  . GLY A 1 63 ? -9.575  1.680   -13.729 1.00 36.36 ? 63 GLY A CA  1 
ATOM 413 C C   . GLY A 1 63 ? -8.551  0.557   -13.519 1.00 38.22 ? 63 GLY A C   1 
ATOM 414 O O   . GLY A 1 63 ? -8.478  -0.351  -14.343 1.00 40.11 ? 63 GLY A O   1 
ATOM 415 N N   . LEU A 1 64 ? -7.785  0.598   -12.404 1.00 37.08 ? 64 LEU A N   1 
ATOM 416 C CA  . LEU A 1 64 ? -6.820  -0.419  -11.961 1.00 32.56 ? 64 LEU A CA  1 
ATOM 417 C C   . LEU A 1 64 ? -7.253  -1.881  -12.029 1.00 30.43 ? 64 LEU A C   1 
ATOM 418 O O   . LEU A 1 64 ? -6.445  -2.791  -12.266 1.00 28.84 ? 64 LEU A O   1 
ATOM 419 C CB  . LEU A 1 64 ? -6.427  -0.173  -10.524 1.00 30.83 ? 64 LEU A CB  1 
ATOM 420 C CG  . LEU A 1 64 ? -5.683  1.069   -10.151 1.00 30.03 ? 64 LEU A CG  1 
ATOM 421 C CD1 . LEU A 1 64 ? -5.406  1.071   -8.649  1.00 27.69 ? 64 LEU A CD1 1 
ATOM 422 C CD2 . LEU A 1 64 ? -4.381  1.105   -10.927 1.00 31.95 ? 64 LEU A CD2 1 
ATOM 423 N N   . GLY A 1 65 ? -8.516  -2.142  -11.718 1.00 29.92 ? 65 GLY A N   1 
ATOM 424 C CA  . GLY A 1 65 ? -9.023  -3.498  -11.779 1.00 32.01 ? 65 GLY A CA  1 
ATOM 425 C C   . GLY A 1 65 ? -8.461  -4.290  -10.618 1.00 31.04 ? 65 GLY A C   1 
ATOM 426 O O   . GLY A 1 65 ? -8.244  -3.706  -9.562  1.00 32.60 ? 65 GLY A O   1 
ATOM 427 N N   . SER A 1 66 ? -8.183  -5.589  -10.766 1.00 30.69 ? 66 SER A N   1 
ATOM 428 C CA  . SER A 1 66 ? -7.621  -6.445  -9.720  1.00 28.16 ? 66 SER A CA  1 
ATOM 429 C C   . SER A 1 66 ? -6.486  -5.817  -8.894  1.00 27.66 ? 66 SER A C   1 
ATOM 430 O O   . SER A 1 66 ? -6.398  -5.998  -7.678  1.00 27.37 ? 66 SER A O   1 
ATOM 431 C CB  . SER A 1 66 ? -7.155  -7.716  -10.401 1.00 24.72 ? 66 SER A CB  1 
ATOM 432 O OG  . SER A 1 66 ? -8.227  -8.210  -11.198 1.00 20.89 ? 66 SER A OG  1 
ATOM 433 N N   . ASN A 1 67 ? -5.673  -4.952  -9.496  1.00 25.63 ? 67 ASN A N   1 
ATOM 434 C CA  . ASN A 1 67 ? -4.580  -4.325  -8.783  1.00 23.54 ? 67 ASN A CA  1 
ATOM 435 C C   . ASN A 1 67 ? -5.010  -3.126  -7.919  1.00 21.10 ? 67 ASN A C   1 
ATOM 436 O O   . ASN A 1 67 ? -4.276  -2.162  -7.701  1.00 20.66 ? 67 ASN A O   1 
ATOM 437 C CB  . ASN A 1 67 ? -3.532  -3.954  -9.837  1.00 24.95 ? 67 ASN A CB  1 
ATOM 438 C CG  . ASN A 1 67 ? -2.934  -5.169  -10.565 1.00 29.05 ? 67 ASN A CG  1 
ATOM 439 O OD1 . ASN A 1 67 ? -2.520  -6.202  -10.001 1.00 30.23 ? 67 ASN A OD1 1 
ATOM 440 N ND2 . ASN A 1 67 ? -2.878  -5.105  -11.891 1.00 29.12 ? 67 ASN A ND2 1 
ATOM 441 N N   . LEU A 1 68 ? -6.206  -3.163  -7.345  1.00 19.40 ? 68 LEU A N   1 
ATOM 442 C CA  . LEU A 1 68 ? -6.752  -2.085  -6.539  1.00 19.91 ? 68 LEU A CA  1 
ATOM 443 C C   . LEU A 1 68 ? -6.399  -2.360  -5.081  1.00 23.51 ? 68 LEU A C   1 
ATOM 444 O O   . LEU A 1 68 ? -6.838  -3.363  -4.484  1.00 26.32 ? 68 LEU A O   1 
ATOM 445 C CB  . LEU A 1 68 ? -8.258  -2.061  -6.770  1.00 16.36 ? 68 LEU A CB  1 
ATOM 446 C CG  . LEU A 1 68 ? -9.243  -1.409  -5.809  1.00 19.39 ? 68 LEU A CG  1 
ATOM 447 C CD1 . LEU A 1 68 ? -9.099  0.100   -5.733  1.00 18.41 ? 68 LEU A CD1 1 
ATOM 448 C CD2 . LEU A 1 68 ? -10.621 -1.749  -6.317  1.00 19.93 ? 68 LEU A CD2 1 
ATOM 449 N N   . VAL A 1 69 ? -5.650  -1.472  -4.436  1.00 23.31 ? 69 VAL A N   1 
ATOM 450 C CA  . VAL A 1 69 ? -5.213  -1.716  -3.070  1.00 20.83 ? 69 VAL A CA  1 
ATOM 451 C C   . VAL A 1 69 ? -6.338  -1.566  -2.077  1.00 20.86 ? 69 VAL A C   1 
ATOM 452 O O   . VAL A 1 69 ? -6.780  -0.476  -1.710  1.00 21.92 ? 69 VAL A O   1 
ATOM 453 C CB  . VAL A 1 69 ? -4.084  -0.766  -2.712  1.00 18.55 ? 69 VAL A CB  1 
ATOM 454 C CG1 . VAL A 1 69 ? -3.664  -0.887  -1.273  1.00 17.02 ? 69 VAL A CG1 1 
ATOM 455 C CG2 . VAL A 1 69 ? -2.890  -1.146  -3.544  1.00 20.39 ? 69 VAL A CG2 1 
ATOM 456 N N   . THR A 1 70 ? -6.846  -2.724  -1.714  1.00 20.86 ? 70 THR A N   1 
ATOM 457 C CA  . THR A 1 70 ? -7.844  -2.830  -0.674  1.00 20.24 ? 70 THR A CA  1 
ATOM 458 C C   . THR A 1 70 ? -7.138  -2.511  0.633   1.00 18.90 ? 70 THR A C   1 
ATOM 459 O O   . THR A 1 70 ? -5.949  -2.799  0.745   1.00 18.16 ? 70 THR A O   1 
ATOM 460 C CB  . THR A 1 70 ? -8.398  -4.256  -0.674  1.00 20.02 ? 70 THR A CB  1 
ATOM 461 O OG1 . THR A 1 70 ? -7.268  -5.103  -0.579  1.00 21.18 ? 70 THR A OG1 1 
ATOM 462 C CG2 . THR A 1 70 ? -9.165  -4.634  -1.935  1.00 23.58 ? 70 THR A CG2 1 
ATOM 463 N N   . GLU A 1 71 ? -7.770  -1.952  1.668   1.00 20.90 ? 71 GLU A N   1 
ATOM 464 C CA  . GLU A 1 71 ? -7.063  -1.738  2.925   1.00 21.81 ? 71 GLU A CA  1 
ATOM 465 C C   . GLU A 1 71 ? -6.657  -3.042  3.624   1.00 20.32 ? 71 GLU A C   1 
ATOM 466 O O   . GLU A 1 71 ? -5.744  -3.010  4.451   1.00 22.78 ? 71 GLU A O   1 
ATOM 467 C CB  . GLU A 1 71 ? -7.922  -0.867  3.848   1.00 23.20 ? 71 GLU A CB  1 
ATOM 468 C CG  . GLU A 1 71 ? -9.002  -1.546  4.665   1.00 28.51 ? 71 GLU A CG  1 
ATOM 469 C CD  . GLU A 1 71 ? -8.638  -1.745  6.126   1.00 30.27 ? 71 GLU A CD  1 
ATOM 470 O OE1 . GLU A 1 71 ? -7.643  -2.406  6.421   1.00 31.05 ? 71 GLU A OE1 1 
ATOM 471 O OE2 . GLU A 1 71 ? -9.363  -1.234  6.976   1.00 32.83 ? 71 GLU A OE2 1 
ATOM 472 N N   . VAL A 1 72 ? -7.200  -4.219  3.314   1.00 17.53 ? 72 VAL A N   1 
ATOM 473 C CA  . VAL A 1 72 ? -6.715  -5.434  3.938   1.00 16.08 ? 72 VAL A CA  1 
ATOM 474 C C   . VAL A 1 72 ? -5.290  -5.679  3.490   1.00 16.48 ? 72 VAL A C   1 
ATOM 475 O O   . VAL A 1 72 ? -4.444  -6.059  4.301   1.00 15.09 ? 72 VAL A O   1 
ATOM 476 C CB  . VAL A 1 72 ? -7.530  -6.640  3.564   1.00 14.07 ? 72 VAL A CB  1 
ATOM 477 C CG1 . VAL A 1 72 ? -7.151  -7.797  4.466   1.00 13.86 ? 72 VAL A CG1 1 
ATOM 478 C CG2 . VAL A 1 72 ? -8.997  -6.363  3.790   1.00 17.73 ? 72 VAL A CG2 1 
ATOM 479 N N   . ARG A 1 73 ? -4.970  -5.347  2.237   1.00 16.23 ? 73 ARG A N   1 
ATOM 480 C CA  . ARG A 1 73 ? -3.648  -5.625  1.714   1.00 17.60 ? 73 ARG A CA  1 
ATOM 481 C C   . ARG A 1 73 ? -2.588  -4.702  2.312   1.00 18.99 ? 73 ARG A C   1 
ATOM 482 O O   . ARG A 1 73 ? -1.421  -5.069  2.509   1.00 16.79 ? 73 ARG A O   1 
ATOM 483 C CB  . ARG A 1 73 ? -3.743  -5.531  0.188   1.00 19.05 ? 73 ARG A CB  1 
ATOM 484 C CG  . ARG A 1 73 ? -4.734  -6.615  -0.259  1.00 24.59 ? 73 ARG A CG  1 
ATOM 485 C CD  . ARG A 1 73 ? -4.443  -7.507  -1.475  1.00 30.27 ? 73 ARG A CD  1 
ATOM 486 N NE  . ARG A 1 73 ? -5.206  -7.155  -2.667  1.00 33.42 ? 73 ARG A NE  1 
ATOM 487 C CZ  . ARG A 1 73 ? -6.537  -7.307  -2.788  1.00 34.76 ? 73 ARG A CZ  1 
ATOM 488 N NH1 . ARG A 1 73 ? -7.309  -7.804  -1.807  1.00 31.81 ? 73 ARG A NH1 1 
ATOM 489 N NH2 . ARG A 1 73 ? -7.117  -6.899  -3.920  1.00 34.70 ? 73 ARG A NH2 1 
ATOM 490 N N   . VAL A 1 74 ? -3.017  -3.504  2.705   1.00 21.68 ? 74 VAL A N   1 
ATOM 491 C CA  . VAL A 1 74 ? -2.131  -2.552  3.357   1.00 22.18 ? 74 VAL A CA  1 
ATOM 492 C C   . VAL A 1 74 ? -1.898  -3.072  4.746   1.00 22.89 ? 74 VAL A C   1 
ATOM 493 O O   . VAL A 1 74 ? -0.742  -3.050  5.162   1.00 24.88 ? 74 VAL A O   1 
ATOM 494 C CB  . VAL A 1 74 ? -2.748  -1.140  3.424   1.00 20.71 ? 74 VAL A CB  1 
ATOM 495 C CG1 . VAL A 1 74 ? -2.152  -0.253  4.507   1.00 21.08 ? 74 VAL A CG1 1 
ATOM 496 C CG2 . VAL A 1 74 ? -2.404  -0.484  2.118   1.00 18.69 ? 74 VAL A CG2 1 
ATOM 497 N N   . TYR A 1 75 ? -2.956  -3.564  5.416   1.00 23.47 ? 75 TYR A N   1 
ATOM 498 C CA  . TYR A 1 75 ? -2.844  -4.133  6.751   1.00 23.47 ? 75 TYR A CA  1 
ATOM 499 C C   . TYR A 1 75 ? -1.831  -5.270  6.702   1.00 23.24 ? 75 TYR A C   1 
ATOM 500 O O   . TYR A 1 75 ? -0.795  -5.220  7.375   1.00 25.07 ? 75 TYR A O   1 
ATOM 501 C CB  . TYR A 1 75 ? -4.191  -4.689  7.245   1.00 24.32 ? 75 TYR A CB  1 
ATOM 502 C CG  . TYR A 1 75 ? -4.093  -5.352  8.618   1.00 27.66 ? 75 TYR A CG  1 
ATOM 503 C CD1 . TYR A 1 75 ? -4.244  -4.606  9.768   1.00 29.45 ? 75 TYR A CD1 1 
ATOM 504 C CD2 . TYR A 1 75 ? -3.830  -6.705  8.724   1.00 28.61 ? 75 TYR A CD2 1 
ATOM 505 C CE1 . TYR A 1 75 ? -4.135  -5.204  11.010  1.00 29.66 ? 75 TYR A CE1 1 
ATOM 506 C CE2 . TYR A 1 75 ? -3.714  -7.306  9.959   1.00 30.32 ? 75 TYR A CE2 1 
ATOM 507 C CZ  . TYR A 1 75 ? -3.880  -6.554  11.095  1.00 29.42 ? 75 TYR A CZ  1 
ATOM 508 O OH  . TYR A 1 75 ? -3.823  -7.180  12.318  1.00 27.70 ? 75 TYR A OH  1 
ATOM 509 N N   . ASN A 1 76 ? -2.105  -6.299  5.897   1.00 21.60 ? 76 ASN A N   1 
ATOM 510 C CA  . ASN A 1 76 ? -1.214  -7.431  5.784   1.00 20.23 ? 76 ASN A CA  1 
ATOM 511 C C   . ASN A 1 76 ? 0.195   -7.007  5.442   1.00 21.01 ? 76 ASN A C   1 
ATOM 512 O O   . ASN A 1 76 ? 1.083   -7.489  6.136   1.00 23.29 ? 76 ASN A O   1 
ATOM 513 C CB  . ASN A 1 76 ? -1.664  -8.391  4.729   1.00 18.99 ? 76 ASN A CB  1 
ATOM 514 C CG  . ASN A 1 76 ? -2.905  -9.189  5.069   1.00 21.77 ? 76 ASN A CG  1 
ATOM 515 O OD1 . ASN A 1 76 ? -3.107  -10.268 4.536   1.00 25.22 ? 76 ASN A OD1 1 
ATOM 516 N ND2 . ASN A 1 76 ? -3.824  -8.788  5.928   1.00 21.85 ? 76 ASN A ND2 1 
ATOM 517 N N   . TRP A 1 77 ? 0.493   -6.095  4.508   1.00 20.71 ? 77 TRP A N   1 
ATOM 518 C CA  . TRP A 1 77 ? 1.862   -5.652  4.232   1.00 18.80 ? 77 TRP A CA  1 
ATOM 519 C C   . TRP A 1 77 ? 2.541   -5.237  5.533   1.00 19.24 ? 77 TRP A C   1 
ATOM 520 O O   . TRP A 1 77 ? 3.661   -5.663  5.818   1.00 19.43 ? 77 TRP A O   1 
ATOM 521 C CB  . TRP A 1 77 ? 1.847   -4.455  3.276   1.00 18.49 ? 77 TRP A CB  1 
ATOM 522 C CG  . TRP A 1 77 ? 3.187   -3.960  2.737   1.00 16.98 ? 77 TRP A CG  1 
ATOM 523 C CD1 . TRP A 1 77 ? 3.607   -4.392  1.515   1.00 17.02 ? 77 TRP A CD1 1 
ATOM 524 C CD2 . TRP A 1 77 ? 4.081   -3.094  3.316   1.00 15.27 ? 77 TRP A CD2 1 
ATOM 525 N NE1 . TRP A 1 77 ? 4.757   -3.812  1.320   1.00 17.11 ? 77 TRP A NE1 1 
ATOM 526 C CE2 . TRP A 1 77 ? 5.071   -3.036  2.354   1.00 14.83 ? 77 TRP A CE2 1 
ATOM 527 C CE3 . TRP A 1 77 ? 4.212   -2.359  4.468   1.00 13.69 ? 77 TRP A CE3 1 
ATOM 528 C CZ2 . TRP A 1 77 ? 6.199   -2.273  2.517   1.00 11.22 ? 77 TRP A CZ2 1 
ATOM 529 C CZ3 . TRP A 1 77 ? 5.341   -1.589  4.639   1.00 11.42 ? 77 TRP A CZ3 1 
ATOM 530 C CH2 . TRP A 1 77 ? 6.322   -1.544  3.671   1.00 12.63 ? 77 TRP A CH2 1 
ATOM 531 N N   . PHE A 1 78 ? 1.871   -4.476  6.385   1.00 19.61 ? 78 PHE A N   1 
ATOM 532 C CA  . PHE A 1 78 ? 2.526   -4.036  7.586   1.00 21.18 ? 78 PHE A CA  1 
ATOM 533 C C   . PHE A 1 78 ? 2.736   -5.232  8.483   1.00 21.60 ? 78 PHE A C   1 
ATOM 534 O O   . PHE A 1 78 ? 3.877   -5.518  8.849   1.00 22.16 ? 78 PHE A O   1 
ATOM 535 C CB  . PHE A 1 78 ? 1.683   -2.928  8.226   1.00 23.64 ? 78 PHE A CB  1 
ATOM 536 C CG  . PHE A 1 78 ? 2.043   -1.600  7.540   1.00 27.38 ? 78 PHE A CG  1 
ATOM 537 C CD1 . PHE A 1 78 ? 3.274   -1.002  7.787   1.00 27.02 ? 78 PHE A CD1 1 
ATOM 538 C CD2 . PHE A 1 78 ? 1.168   -1.000  6.640   1.00 27.33 ? 78 PHE A CD2 1 
ATOM 539 C CE1 . PHE A 1 78 ? 3.622   0.166   7.131   1.00 27.60 ? 78 PHE A CE1 1 
ATOM 540 C CE2 . PHE A 1 78 ? 1.526   0.165   5.992   1.00 27.15 ? 78 PHE A CE2 1 
ATOM 541 C CZ  . PHE A 1 78 ? 2.750   0.749   6.236   1.00 27.67 ? 78 PHE A CZ  1 
ATOM 542 N N   . ALA A 1 79 ? 1.692   -6.015  8.704   1.00 20.97 ? 79 ALA A N   1 
ATOM 543 C CA  . ALA A 1 79 ? 1.785   -7.217  9.494   1.00 22.06 ? 79 ALA A CA  1 
ATOM 544 C C   . ALA A 1 79 ? 2.980   -8.101  9.149   1.00 22.20 ? 79 ALA A C   1 
ATOM 545 O O   . ALA A 1 79 ? 3.889   -8.391  9.936   1.00 23.26 ? 79 ALA A O   1 
ATOM 546 C CB  . ALA A 1 79 ? 0.510   -8.012  9.304   1.00 24.70 ? 79 ALA A CB  1 
ATOM 547 N N   . ASN A 1 80 ? 3.065   -8.356  7.866   1.00 23.03 ? 80 ASN A N   1 
ATOM 548 C CA  . ASN A 1 80 ? 4.034   -9.266  7.285   1.00 23.44 ? 80 ASN A CA  1 
ATOM 549 C C   . ASN A 1 80 ? 5.428   -8.677  7.265   1.00 22.23 ? 80 ASN A C   1 
ATOM 550 O O   . ASN A 1 80 ? 6.429   -9.380  7.329   1.00 21.62 ? 80 ASN A O   1 
ATOM 551 C CB  . ASN A 1 80 ? 3.582   -9.584  5.882   1.00 26.02 ? 80 ASN A CB  1 
ATOM 552 C CG  . ASN A 1 80 ? 4.159   -10.857 5.337   1.00 28.65 ? 80 ASN A CG  1 
ATOM 553 O OD1 . ASN A 1 80 ? 3.422   -11.802 5.045   1.00 31.62 ? 80 ASN A OD1 1 
ATOM 554 N ND2 . ASN A 1 80 ? 5.475   -10.927 5.165   1.00 31.99 ? 80 ASN A ND2 1 
ATOM 555 N N   . ARG A 1 81 ? 5.540   -7.368  7.132   1.00 22.77 ? 81 ARG A N   1 
ATOM 556 C CA  . ARG A 1 81 ? 6.824   -6.707  7.133   1.00 22.15 ? 81 ARG A CA  1 
ATOM 557 C C   . ARG A 1 81 ? 7.306   -6.715  8.585   1.00 23.02 ? 81 ARG A C   1 
ATOM 558 O O   . ARG A 1 81 ? 8.506   -6.777  8.842   1.00 24.11 ? 81 ARG A O   1 
ATOM 559 C CB  . ARG A 1 81 ? 6.623   -5.295  6.562   1.00 19.56 ? 81 ARG A CB  1 
ATOM 560 C CG  . ARG A 1 81 ? 7.489   -4.883  5.364   1.00 18.46 ? 81 ARG A CG  1 
ATOM 561 C CD  . ARG A 1 81 ? 7.637   -5.870  4.192   1.00 15.29 ? 81 ARG A CD  1 
ATOM 562 N NE  . ARG A 1 81 ? 6.425   -6.193  3.454   1.00 14.43 ? 81 ARG A NE  1 
ATOM 563 C CZ  . ARG A 1 81 ? 6.311   -7.342  2.782   1.00 13.45 ? 81 ARG A CZ  1 
ATOM 564 N NH1 . ARG A 1 81 ? 7.295   -8.220  2.762   1.00 14.97 ? 81 ARG A NH1 1 
ATOM 565 N NH2 . ARG A 1 81 ? 5.197   -7.661  2.135   1.00 12.89 ? 81 ARG A NH2 1 
ATOM 566 N N   . ARG A 1 82 ? 6.417   -6.670  9.580   1.00 23.79 ? 82 ARG A N   1 
ATOM 567 C CA  . ARG A 1 82 ? 6.819   -6.800  10.974  1.00 25.85 ? 82 ARG A CA  1 
ATOM 568 C C   . ARG A 1 82 ? 7.305   -8.229  11.308  1.00 24.94 ? 82 ARG A C   1 
ATOM 569 O O   . ARG A 1 82 ? 8.281   -8.420  12.049  1.00 23.00 ? 82 ARG A O   1 
ATOM 570 C CB  . ARG A 1 82 ? 5.645   -6.412  11.866  1.00 28.60 ? 82 ARG A CB  1 
ATOM 571 C CG  . ARG A 1 82 ? 5.284   -4.915  11.858  1.00 31.86 ? 82 ARG A CG  1 
ATOM 572 C CD  . ARG A 1 82 ? 4.253   -4.593  12.961  1.00 31.63 ? 82 ARG A CD  1 
ATOM 573 N NE  . ARG A 1 82 ? 3.078   -5.446  12.855  1.00 32.71 ? 82 ARG A NE  1 
ATOM 574 C CZ  . ARG A 1 82 ? 1.880   -5.016  12.446  1.00 35.46 ? 82 ARG A CZ  1 
ATOM 575 N NH1 . ARG A 1 82 ? 1.633   -3.748  12.098  1.00 36.57 ? 82 ARG A NH1 1 
ATOM 576 N NH2 . ARG A 1 82 ? 0.903   -5.914  12.363  1.00 35.96 ? 82 ARG A NH2 1 
ATOM 577 N N   . LYS A 1 83 ? 6.653   -9.254  10.738  1.00 24.27 ? 83 LYS A N   1 
ATOM 578 C CA  . LYS A 1 83 ? 7.116   -10.633 10.809  1.00 23.80 ? 83 LYS A CA  1 
ATOM 579 C C   . LYS A 1 83 ? 8.576   -10.676 10.442  1.00 25.28 ? 83 LYS A C   1 
ATOM 580 O O   . LYS A 1 83 ? 9.371   -11.244 11.166  1.00 27.92 ? 83 LYS A O   1 
ATOM 581 C CB  . LYS A 1 83 ? 6.576   -11.590 9.798   1.00 23.36 ? 83 LYS A CB  1 
ATOM 582 C CG  . LYS A 1 83 ? 5.325   -12.388 9.924   1.00 26.47 ? 83 LYS A CG  1 
ATOM 583 C CD  . LYS A 1 83 ? 5.458   -13.207 8.617   1.00 27.13 ? 83 LYS A CD  1 
ATOM 584 C CE  . LYS A 1 83 ? 4.532   -14.418 8.492   1.00 27.41 ? 83 LYS A CE  1 
ATOM 585 N NZ  . LYS A 1 83 ? 3.160   -14.052 8.795   1.00 29.73 ? 83 LYS A NZ  1 
ATOM 586 N N   . GLU A 1 84 ? 8.978   -10.028 9.361   1.00 26.52 ? 84 GLU A N   1 
ATOM 587 C CA  . GLU A 1 84 ? 10.345  -10.130 8.884   1.00 27.55 ? 84 GLU A CA  1 
ATOM 588 C C   . GLU A 1 84 ? 11.365  -9.494  9.822   1.00 28.08 ? 84 GLU A C   1 
ATOM 589 O O   . GLU A 1 84 ? 12.564  -9.714  9.650   1.00 30.37 ? 84 GLU A O   1 
ATOM 590 C CB  . GLU A 1 84 ? 10.354  -9.526  7.476   1.00 28.40 ? 84 GLU A CB  1 
ATOM 591 C CG  . GLU A 1 84 ? 9.473   -10.438 6.597   1.00 29.76 ? 84 GLU A CG  1 
ATOM 592 C CD  . GLU A 1 84 ? 9.071   -9.962  5.209   1.00 29.17 ? 84 GLU A CD  1 
ATOM 593 O OE1 . GLU A 1 84 ? 9.164   -8.767  4.932   1.00 30.31 ? 84 GLU A OE1 1 
ATOM 594 O OE2 . GLU A 1 84 ? 8.662   -10.798 4.405   1.00 29.36 ? 84 GLU A OE2 1 
ATOM 595 N N   . GLU A 1 85 ? 10.984  -8.666  10.796  1.00 27.51 ? 85 GLU A N   1 
ATOM 596 C CA  . GLU A 1 85 ? 11.925  -8.305  11.840  1.00 30.36 ? 85 GLU A CA  1 
ATOM 597 C C   . GLU A 1 85 ? 11.911  -9.393  12.943  1.00 31.99 ? 85 GLU A C   1 
ATOM 598 O O   . GLU A 1 85 ? 12.886  -9.544  13.692  1.00 33.20 ? 85 GLU A O   1 
ATOM 599 C CB  . GLU A 1 85 ? 11.547  -6.964  12.413  1.00 30.58 ? 85 GLU A CB  1 
ATOM 600 C CG  . GLU A 1 85 ? 12.433  -5.875  11.829  1.00 32.45 ? 85 GLU A CG  1 
ATOM 601 C CD  . GLU A 1 85 ? 11.974  -4.430  12.050  1.00 34.76 ? 85 GLU A CD  1 
ATOM 602 O OE1 . GLU A 1 85 ? 10.817  -4.198  12.405  1.00 34.55 ? 85 GLU A OE1 1 
ATOM 603 O OE2 . GLU A 1 85 ? 12.773  -3.515  11.839  1.00 34.49 ? 85 GLU A OE2 1 
ATOM 604 N N   . ALA A 1 86 ? 10.846  -10.194 13.130  1.00 30.67 ? 86 ALA A N   1 
ATOM 605 C CA  . ALA A 1 86 ? 10.806  -11.287 14.092  1.00 29.13 ? 86 ALA A CA  1 
ATOM 606 C C   . ALA A 1 86 ? 11.637  -12.444 13.563  1.00 30.81 ? 86 ALA A C   1 
ATOM 607 O O   . ALA A 1 86 ? 11.153  -13.445 13.009  1.00 29.11 ? 86 ALA A O   1 
ATOM 608 C CB  . ALA A 1 86 ? 9.391   -11.793 14.288  1.00 27.75 ? 86 ALA A CB  1 
ATOM 609 N N   . PHE A 1 87 ? 12.941  -12.288 13.767  1.00 32.73 ? 87 PHE A N   1 
ATOM 610 C CA  . PHE A 1 87 ? 13.854  -13.284 13.274  1.00 34.88 ? 87 PHE A CA  1 
ATOM 611 C C   . PHE A 1 87 ? 14.725  -14.123 14.245  1.00 37.79 ? 87 PHE A C   1 
ATOM 612 O O   . PHE A 1 87 ? 14.424  -14.358 15.425  1.00 37.12 ? 87 PHE A O   1 
ATOM 613 C CB  . PHE A 1 87 ? 14.678  -12.527 12.180  1.00 33.13 ? 87 PHE A CB  1 
ATOM 614 C CG  . PHE A 1 87 ? 15.675  -11.421 12.533  1.00 32.62 ? 87 PHE A CG  1 
ATOM 615 C CD1 . PHE A 1 87 ? 16.011  -11.091 13.841  1.00 33.32 ? 87 PHE A CD1 1 
ATOM 616 C CD2 . PHE A 1 87 ? 16.266  -10.746 11.482  1.00 32.75 ? 87 PHE A CD2 1 
ATOM 617 C CE1 . PHE A 1 87 ? 16.934  -10.092 14.094  1.00 33.88 ? 87 PHE A CE1 1 
ATOM 618 C CE2 . PHE A 1 87 ? 17.183  -9.753  11.734  1.00 34.43 ? 87 PHE A CE2 1 
ATOM 619 C CZ  . PHE A 1 87 ? 17.517  -9.425  13.036  1.00 36.79 ? 87 PHE A CZ  1 
ATOM 620 N N   . ARG A 1 88 ? 15.821  -14.630 13.687  1.00 39.77 ? 88 ARG A N   1 
ATOM 621 C CA  . ARG A 1 88 ? 16.813  -15.490 14.310  1.00 38.87 ? 88 ARG A CA  1 
ATOM 622 C C   . ARG A 1 88 ? 18.035  -14.585 14.553  1.00 37.84 ? 88 ARG A C   1 
ATOM 623 O O   . ARG A 1 88 ? 17.915  -13.426 14.944  1.00 36.66 ? 88 ARG A O   1 
ATOM 624 C CB  . ARG A 1 88 ? 17.076  -16.631 13.292  1.00 38.04 ? 88 ARG A CB  1 
ATOM 625 C CG  . ARG A 1 88 ? 17.472  -16.189 11.853  1.00 36.40 ? 88 ARG A CG  1 
ATOM 626 C CD  . ARG A 1 88 ? 16.373  -16.386 10.796  1.00 36.19 ? 88 ARG A CD  1 
ATOM 627 N NE  . ARG A 1 88 ? 15.138  -15.663 11.099  1.00 36.79 ? 88 ARG A NE  1 
ATOM 628 C CZ  . ARG A 1 88 ? 13.983  -15.795 10.414  1.00 35.43 ? 88 ARG A CZ  1 
ATOM 629 N NH1 . ARG A 1 88 ? 13.842  -16.617 9.358   1.00 31.20 ? 88 ARG A NH1 1 
ATOM 630 N NH2 . ARG A 1 88 ? 12.916  -15.092 10.816  1.00 30.39 ? 88 ARG A NH2 1 
ATOM 631 N N   . HIS A 1 89 ? 19.196  -15.181 14.312  1.00 37.80 ? 89 HIS A N   1 
ATOM 632 C CA  . HIS A 1 89 ? 20.464  -14.516 14.133  1.00 38.81 ? 89 HIS A CA  1 
ATOM 633 C C   . HIS A 1 89 ? 21.201  -13.829 15.265  1.00 38.50 ? 89 HIS A C   1 
ATOM 634 O O   . HIS A 1 89 ? 22.346  -14.253 15.465  1.00 38.01 ? 89 HIS A O   1 
ATOM 635 C CB  . HIS A 1 89 ? 20.321  -13.527 12.943  1.00 35.78 ? 89 HIS A CB  1 
ATOM 636 C CG  . HIS A 1 89 ? 21.685  -12.989 12.526  1.00 35.84 ? 89 HIS A CG  1 
ATOM 637 N ND1 . HIS A 1 89 ? 22.604  -13.591 11.769  1.00 34.92 ? 89 HIS A ND1 1 
ATOM 638 C CD2 . HIS A 1 89 ? 22.195  -11.774 12.936  1.00 35.66 ? 89 HIS A CD2 1 
ATOM 639 C CE1 . HIS A 1 89 ? 23.639  -12.785 11.713  1.00 35.59 ? 89 HIS A CE1 1 
ATOM 640 N NE2 . HIS A 1 89 ? 23.385  -11.701 12.416  1.00 35.45 ? 89 HIS A NE2 1 
ATOM 641 N N   . LYS A 1 90 ? 20.699  -12.846 15.808  1.00 36.57 ? 90 LYS A N   1 
# 
